data_1B85
#
_entry.id   1B85
#
_cell.length_a   73.400
_cell.length_b   94.400
_cell.length_c   230.990
_cell.angle_alpha   90.00
_cell.angle_beta   90.00
_cell.angle_gamma   90.00
#
_symmetry.space_group_name_H-M   'C 2 2 21'
#
loop_
_entity.id
_entity.type
_entity.pdbx_description
1 polymer 'Ligninase H8'
2 non-polymer 'CALCIUM ION'
3 non-polymer 'PROTOPORPHYRIN IX CONTAINING FE'
4 water water
#
_entity_poly.entity_id   1
_entity_poly.type   'polypeptide(L)'
_entity_poly.pdbx_seq_one_letter_code
;AAVIEKRATCSNGKTVGDASCCAWFDVLDDIQQNLFHGGQCGAEAHESIRLVFHDSIAISPAMEAQGKFGGGGADGSIMI
FDDIETAFHPNIGLDEIVKLQKPFVQKHGVTPGDFIAFAGAVALSNCPGAPQMNFFTGRAPATQPAPDGLVPEPFHTVDQ
IINRVNDAGEFDELELVFMLSAHSVAAVNDVDPTVQGLPFDSTPGIFDSQFFVETQLRGTAFPGSGGNQGEVESPLPGEI
RIQSDHTIARDSRTACEWQSFVNNQSKLVDDFQFIFLALTQLGQDPNAMTDCSDVIPQSKPIPGNLPFSFFPAGKTIKDV
EQACAETPFPTLTTLPGPETSVQRIPPPPGA
;
_entity_poly.pdbx_strand_id   A,B
#
loop_
_chem_comp.id
_chem_comp.type
_chem_comp.name
_chem_comp.formula
CA non-polymer 'CALCIUM ION' 'Ca 2'
HEM non-polymer 'PROTOPORPHYRIN IX CONTAINING FE' 'C34 H32 Fe N4 O4'
#
# COMPACT_ATOMS: atom_id res chain seq x y z
N ILE A 4 -12.21 9.00 1.83
CA ILE A 4 -12.80 8.71 3.18
C ILE A 4 -11.69 8.79 4.24
N GLU A 5 -11.73 9.86 5.01
CA GLU A 5 -10.71 10.10 6.04
C GLU A 5 -11.28 9.64 7.40
N LYS A 6 -10.39 9.06 8.18
CA LYS A 6 -10.74 8.60 9.50
C LYS A 6 -9.90 9.27 10.57
N ARG A 7 -10.48 10.28 11.24
CA ARG A 7 -9.77 11.00 12.29
C ARG A 7 -9.35 10.00 13.34
N ALA A 8 -8.09 10.08 13.81
CA ALA A 8 -7.58 9.06 14.71
C ALA A 8 -6.54 9.61 15.67
N THR A 9 -6.43 8.98 16.82
CA THR A 9 -5.42 9.32 17.81
C THR A 9 -4.28 8.32 17.60
N CYS A 10 -3.06 8.81 17.39
CA CYS A 10 -1.94 7.92 17.13
C CYS A 10 -1.41 7.36 18.45
N SER A 11 -0.41 6.48 18.34
CA SER A 11 0.19 5.86 19.54
C SER A 11 0.86 6.88 20.41
N ASN A 12 1.35 8.00 19.90
CA ASN A 12 1.96 9.04 20.70
C ASN A 12 0.94 9.94 21.38
N GLY A 13 -0.37 9.75 21.20
CA GLY A 13 -1.36 10.59 21.85
C GLY A 13 -1.85 11.77 21.04
N LYS A 14 -1.37 11.98 19.83
CA LYS A 14 -1.75 13.09 19.00
C LYS A 14 -2.86 12.69 18.03
N THR A 15 -3.77 13.63 17.80
CA THR A 15 -4.88 13.35 16.89
C THR A 15 -4.56 13.88 15.52
N VAL A 16 -4.85 13.08 14.49
CA VAL A 16 -4.54 13.51 13.14
C VAL A 16 -5.80 13.32 12.28
N GLY A 17 -5.78 13.86 11.07
CA GLY A 17 -6.91 13.82 10.17
C GLY A 17 -7.29 12.47 9.60
N ASP A 18 -6.31 11.59 9.39
CA ASP A 18 -6.57 10.24 8.92
C ASP A 18 -5.60 9.30 9.60
N ALA A 19 -6.04 8.09 9.94
CA ALA A 19 -5.18 7.10 10.57
C ALA A 19 -3.92 6.79 9.78
N SER A 20 -3.93 6.94 8.46
CA SER A 20 -2.72 6.67 7.64
C SER A 20 -1.61 7.66 7.97
N CYS A 21 -1.95 8.84 8.52
CA CYS A 21 -0.92 9.81 8.86
C CYS A 21 -0.02 9.38 9.99
N CYS A 22 -0.48 8.52 10.90
CA CYS A 22 0.24 8.17 12.10
C CYS A 22 1.66 7.61 11.85
N ALA A 23 1.84 6.90 10.79
CA ALA A 23 3.12 6.29 10.42
C ALA A 23 4.13 7.39 10.06
N TRP A 24 3.65 8.60 9.75
CA TRP A 24 4.63 9.66 9.44
C TRP A 24 5.27 10.23 10.69
N PHE A 25 4.77 9.99 11.89
CA PHE A 25 5.44 10.44 13.10
C PHE A 25 6.76 9.67 13.27
N ASP A 26 6.82 8.41 12.88
CA ASP A 26 8.07 7.67 12.97
C ASP A 26 9.04 8.22 11.91
N VAL A 27 8.53 8.56 10.74
CA VAL A 27 9.42 9.17 9.72
C VAL A 27 9.98 10.50 10.23
N LEU A 28 9.11 11.34 10.78
CA LEU A 28 9.55 12.61 11.38
C LEU A 28 10.70 12.48 12.36
N ASP A 29 10.53 11.58 13.36
CA ASP A 29 11.57 11.38 14.37
C ASP A 29 12.91 10.97 13.80
N ASP A 30 12.91 10.10 12.84
CA ASP A 30 14.11 9.59 12.16
C ASP A 30 14.82 10.68 11.35
N ILE A 31 14.05 11.44 10.54
CA ILE A 31 14.74 12.50 9.78
C ILE A 31 15.13 13.66 10.64
N GLN A 32 14.44 14.04 11.68
CA GLN A 32 14.87 15.15 12.54
C GLN A 32 16.21 14.79 13.16
N GLN A 33 16.35 13.54 13.58
CA GLN A 33 17.62 13.15 14.20
C GLN A 33 18.73 12.87 13.20
N ASN A 34 18.45 12.12 12.14
CA ASN A 34 19.47 11.61 11.28
C ASN A 34 19.68 12.27 9.94
N LEU A 35 18.82 13.23 9.58
CA LEU A 35 19.03 13.96 8.34
C LEU A 35 19.25 15.44 8.68
N PHE A 36 18.45 15.96 9.60
CA PHE A 36 18.55 17.38 9.96
C PHE A 36 19.32 17.66 11.25
N HIS A 37 20.09 16.67 11.73
CA HIS A 37 20.97 16.87 12.87
C HIS A 37 20.34 17.48 14.10
N GLY A 38 19.19 16.97 14.56
CA GLY A 38 18.54 17.51 15.73
C GLY A 38 17.61 18.66 15.31
N GLY A 39 16.94 18.61 14.18
CA GLY A 39 15.99 19.68 13.84
C GLY A 39 16.58 21.01 13.41
N GLN A 40 17.71 21.03 12.73
CA GLN A 40 18.34 22.29 12.37
C GLN A 40 17.82 22.78 11.03
N CYS A 41 17.92 24.08 10.78
CA CYS A 41 17.61 24.70 9.51
C CYS A 41 19.01 24.99 8.89
N GLY A 42 19.75 23.91 8.63
CA GLY A 42 21.11 24.00 8.10
C GLY A 42 21.13 23.53 6.65
N ALA A 43 22.29 23.01 6.23
CA ALA A 43 22.46 22.64 4.84
C ALA A 43 21.50 21.56 4.37
N GLU A 44 21.28 20.48 5.14
CA GLU A 44 20.37 19.46 4.65
C GLU A 44 18.92 19.99 4.54
N ALA A 45 18.53 20.83 5.47
CA ALA A 45 17.17 21.39 5.39
C ALA A 45 17.06 22.28 4.14
N HIS A 46 18.05 23.13 3.88
CA HIS A 46 17.96 23.96 2.67
C HIS A 46 17.88 23.11 1.42
N GLU A 47 18.76 22.08 1.30
CA GLU A 47 18.74 21.20 0.12
C GLU A 47 17.39 20.49 -0.05
N SER A 48 16.78 20.08 1.03
CA SER A 48 15.48 19.43 0.99
C SER A 48 14.41 20.40 0.46
N ILE A 49 14.52 21.68 0.86
CA ILE A 49 13.51 22.64 0.32
C ILE A 49 13.73 22.87 -1.15
N ARG A 50 14.99 23.00 -1.61
CA ARG A 50 15.26 23.13 -3.03
C ARG A 50 14.75 21.91 -3.80
N LEU A 51 14.94 20.70 -3.23
CA LEU A 51 14.54 19.48 -3.98
C LEU A 51 13.04 19.45 -4.29
N VAL A 52 12.22 20.01 -3.39
CA VAL A 52 10.78 20.05 -3.66
C VAL A 52 10.51 20.79 -4.96
N PHE A 53 11.16 21.94 -5.18
CA PHE A 53 10.87 22.70 -6.39
C PHE A 53 11.36 21.92 -7.63
N HIS A 54 12.55 21.33 -7.55
CA HIS A 54 13.13 20.63 -8.69
C HIS A 54 12.37 19.35 -9.02
N ASP A 55 11.76 18.71 -8.04
CA ASP A 55 10.91 17.55 -8.33
C ASP A 55 9.62 18.11 -8.90
N SER A 56 9.00 19.15 -8.33
CA SER A 56 7.66 19.53 -8.73
C SER A 56 7.42 20.31 -9.99
N ILE A 57 8.27 21.28 -10.34
CA ILE A 57 8.10 22.17 -11.44
C ILE A 57 8.36 21.45 -12.79
N ALA A 58 8.86 20.25 -12.78
CA ALA A 58 9.12 19.50 -14.03
C ALA A 58 7.84 18.85 -14.53
N ILE A 59 6.99 19.66 -15.10
CA ILE A 59 5.70 19.21 -15.64
C ILE A 59 5.36 20.27 -16.67
N SER A 60 4.80 19.83 -17.79
CA SER A 60 4.53 20.76 -18.87
C SER A 60 3.33 20.34 -19.73
N PRO A 61 2.20 20.94 -19.47
CA PRO A 61 1.02 20.82 -20.31
C PRO A 61 1.33 21.16 -21.76
N ALA A 62 2.19 22.13 -22.07
CA ALA A 62 2.53 22.47 -23.43
C ALA A 62 3.23 21.30 -24.13
N MET A 63 4.17 20.60 -23.50
CA MET A 63 4.76 19.45 -24.16
C MET A 63 3.71 18.36 -24.40
N GLU A 64 2.88 18.05 -23.40
CA GLU A 64 1.85 17.03 -23.54
C GLU A 64 0.98 17.33 -24.76
N ALA A 65 0.60 18.58 -24.97
CA ALA A 65 -0.18 18.98 -26.14
C ALA A 65 0.57 18.68 -27.42
N GLN A 66 1.90 18.72 -27.45
CA GLN A 66 2.73 18.37 -28.59
C GLN A 66 2.92 16.86 -28.77
N GLY A 67 2.29 16.00 -27.97
CA GLY A 67 2.47 14.57 -28.11
C GLY A 67 3.59 13.99 -27.27
N LYS A 68 4.35 14.84 -26.56
CA LYS A 68 5.44 14.36 -25.73
C LYS A 68 5.08 14.28 -24.25
N PHE A 69 5.85 13.45 -23.54
CA PHE A 69 5.70 13.37 -22.10
C PHE A 69 6.39 14.62 -21.51
N GLY A 70 5.63 15.43 -20.77
CA GLY A 70 6.25 16.63 -20.20
C GLY A 70 6.64 16.51 -18.73
N GLY A 71 6.63 15.33 -18.15
CA GLY A 71 6.94 15.12 -16.74
C GLY A 71 5.68 15.04 -15.88
N GLY A 72 5.76 14.38 -14.76
CA GLY A 72 4.75 14.09 -13.80
C GLY A 72 4.52 15.08 -12.67
N GLY A 73 5.32 16.17 -12.65
CA GLY A 73 5.13 17.11 -11.52
C GLY A 73 5.66 16.57 -10.23
N ALA A 74 4.94 16.73 -9.09
CA ALA A 74 5.45 16.22 -7.81
C ALA A 74 5.22 14.70 -7.72
N ASP A 75 6.17 13.95 -8.27
CA ASP A 75 6.03 12.48 -8.37
C ASP A 75 7.20 11.67 -7.89
N GLY A 76 8.19 12.35 -7.27
CA GLY A 76 9.39 11.68 -6.76
C GLY A 76 10.32 11.29 -7.92
N SER A 77 10.10 11.77 -9.11
CA SER A 77 10.90 11.36 -10.27
C SER A 77 12.38 11.69 -10.14
N ILE A 78 12.70 12.84 -9.51
CA ILE A 78 14.12 13.21 -9.36
C ILE A 78 14.83 12.27 -8.43
N MET A 79 14.13 11.51 -7.57
CA MET A 79 14.76 10.55 -6.68
C MET A 79 14.81 9.17 -7.42
N ILE A 80 13.65 8.81 -7.94
CA ILE A 80 13.53 7.49 -8.63
C ILE A 80 14.52 7.40 -9.78
N PHE A 81 14.59 8.41 -10.64
CA PHE A 81 15.49 8.43 -11.78
C PHE A 81 16.62 9.43 -11.56
N ASP A 82 17.30 9.35 -10.41
CA ASP A 82 18.28 10.36 -10.07
C ASP A 82 19.48 10.37 -11.01
N ASP A 83 19.81 9.20 -11.58
CA ASP A 83 20.96 9.12 -12.48
C ASP A 83 20.72 9.93 -13.72
N ILE A 84 19.48 10.11 -14.12
CA ILE A 84 19.04 10.92 -15.22
C ILE A 84 18.78 12.39 -14.86
N GLU A 85 17.78 12.67 -14.02
CA GLU A 85 17.45 14.08 -13.73
C GLU A 85 18.51 14.88 -13.01
N THR A 86 19.34 14.31 -12.16
CA THR A 86 20.35 15.08 -11.43
C THR A 86 21.58 15.37 -12.28
N ALA A 87 21.59 14.85 -13.51
CA ALA A 87 22.67 15.16 -14.44
C ALA A 87 22.25 16.39 -15.25
N PHE A 88 21.00 16.82 -15.18
CA PHE A 88 20.58 18.00 -15.91
C PHE A 88 21.23 19.24 -15.25
N HIS A 89 21.67 20.21 -16.04
CA HIS A 89 22.38 21.38 -15.53
C HIS A 89 21.59 22.16 -14.46
N PRO A 90 20.32 22.40 -14.63
CA PRO A 90 19.55 23.10 -13.57
C PRO A 90 19.53 22.34 -12.27
N ASN A 91 19.72 21.03 -12.23
CA ASN A 91 19.64 20.24 -11.03
C ASN A 91 20.99 19.93 -10.47
N ILE A 92 22.00 20.73 -10.83
CA ILE A 92 23.36 20.52 -10.37
C ILE A 92 23.45 20.51 -8.86
N GLY A 93 24.16 19.55 -8.27
CA GLY A 93 24.33 19.47 -6.85
C GLY A 93 23.23 18.67 -6.12
N LEU A 94 22.12 18.36 -6.72
CA LEU A 94 21.03 17.69 -6.01
C LEU A 94 21.21 16.19 -5.78
N ASP A 95 22.17 15.56 -6.46
CA ASP A 95 22.29 14.11 -6.21
C ASP A 95 22.75 13.88 -4.80
N GLU A 96 23.49 14.81 -4.17
CA GLU A 96 23.90 14.62 -2.79
C GLU A 96 22.72 14.51 -1.81
N ILE A 97 21.76 15.44 -1.93
CA ILE A 97 20.60 15.35 -1.00
C ILE A 97 19.73 14.16 -1.42
N VAL A 98 19.61 13.86 -2.71
CA VAL A 98 18.83 12.67 -3.08
C VAL A 98 19.44 11.43 -2.43
N LYS A 99 20.77 11.27 -2.48
CA LYS A 99 21.41 10.11 -1.85
C LYS A 99 21.24 10.07 -0.35
N LEU A 100 21.17 11.23 0.32
CA LEU A 100 20.97 11.19 1.78
C LEU A 100 19.52 10.84 2.13
N GLN A 101 18.60 11.20 1.23
CA GLN A 101 17.19 10.90 1.52
C GLN A 101 16.76 9.47 1.19
N LYS A 102 17.28 8.86 0.14
CA LYS A 102 16.87 7.54 -0.31
C LYS A 102 16.74 6.48 0.74
N PRO A 103 17.67 6.25 1.63
CA PRO A 103 17.59 5.24 2.68
C PRO A 103 16.39 5.39 3.57
N PHE A 104 15.92 6.62 3.82
CA PHE A 104 14.72 6.84 4.61
C PHE A 104 13.46 6.39 3.88
N VAL A 105 13.41 6.57 2.57
CA VAL A 105 12.28 6.14 1.75
C VAL A 105 12.18 4.61 1.85
N GLN A 106 13.33 3.98 1.68
CA GLN A 106 13.38 2.50 1.68
C GLN A 106 13.01 1.96 3.04
N LYS A 107 13.56 2.48 4.12
CA LYS A 107 13.26 2.01 5.47
C LYS A 107 11.81 2.18 5.86
N HIS A 108 11.19 3.32 5.53
CA HIS A 108 9.83 3.54 6.00
C HIS A 108 8.74 3.11 5.06
N GLY A 109 9.02 2.71 3.84
CA GLY A 109 8.06 2.28 2.85
C GLY A 109 7.08 3.32 2.38
N VAL A 110 7.54 4.57 2.20
CA VAL A 110 6.64 5.63 1.70
C VAL A 110 7.00 5.92 0.25
N THR A 111 6.17 6.61 -0.51
CA THR A 111 6.53 6.90 -1.87
C THR A 111 7.62 8.01 -1.86
N PRO A 112 8.45 8.01 -2.89
CA PRO A 112 9.52 9.02 -2.98
C PRO A 112 8.94 10.43 -3.10
N GLY A 113 7.89 10.67 -3.85
CA GLY A 113 7.25 11.98 -3.97
C GLY A 113 6.71 12.45 -2.63
N ASP A 114 6.08 11.56 -1.86
CA ASP A 114 5.52 11.97 -0.58
C ASP A 114 6.68 12.25 0.35
N PHE A 115 7.76 11.45 0.29
CA PHE A 115 8.86 11.78 1.19
C PHE A 115 9.47 13.17 0.89
N ILE A 116 9.72 13.46 -0.38
CA ILE A 116 10.32 14.76 -0.74
C ILE A 116 9.44 15.90 -0.23
N ALA A 117 8.10 15.82 -0.40
CA ALA A 117 7.22 16.87 0.08
C ALA A 117 7.24 16.93 1.61
N PHE A 118 7.32 15.75 2.26
CA PHE A 118 7.42 15.74 3.72
C PHE A 118 8.70 16.39 4.26
N ALA A 119 9.86 15.97 3.74
CA ALA A 119 11.15 16.52 4.21
C ALA A 119 11.24 18.03 3.95
N GLY A 120 10.63 18.48 2.85
CA GLY A 120 10.64 19.91 2.57
C GLY A 120 9.85 20.69 3.61
N ALA A 121 8.68 20.14 3.98
CA ALA A 121 7.86 20.85 4.98
C ALA A 121 8.51 20.78 6.36
N VAL A 122 9.08 19.63 6.72
CA VAL A 122 9.74 19.55 8.05
C VAL A 122 10.96 20.48 8.09
N ALA A 123 11.74 20.46 7.01
CA ALA A 123 12.90 21.36 6.94
C ALA A 123 12.52 22.80 7.19
N LEU A 124 11.42 23.28 6.55
CA LEU A 124 10.95 24.65 6.77
C LEU A 124 10.49 24.88 8.21
N SER A 125 9.86 23.86 8.81
CA SER A 125 9.41 24.01 10.20
C SER A 125 10.59 24.15 11.15
N ASN A 126 11.80 23.78 10.77
CA ASN A 126 12.99 23.98 11.61
C ASN A 126 13.54 25.40 11.54
N CYS A 127 13.10 26.20 10.58
CA CYS A 127 13.64 27.56 10.43
C CYS A 127 12.75 28.58 11.14
N PRO A 128 13.24 29.33 12.11
CA PRO A 128 12.41 30.28 12.83
C PRO A 128 11.77 31.23 11.84
N GLY A 129 10.52 31.61 12.10
CA GLY A 129 9.78 32.49 11.20
C GLY A 129 8.97 31.77 10.13
N ALA A 130 9.19 30.49 9.85
CA ALA A 130 8.46 29.82 8.77
C ALA A 130 6.97 29.77 9.04
N PRO A 131 6.17 29.68 7.99
CA PRO A 131 4.74 29.46 8.11
C PRO A 131 4.49 28.08 8.73
N GLN A 132 3.25 27.86 9.18
CA GLN A 132 2.86 26.53 9.67
C GLN A 132 2.65 25.71 8.41
N MET A 133 3.48 24.69 8.18
CA MET A 133 3.49 24.09 6.86
C MET A 133 2.47 22.96 6.69
N ASN A 134 2.05 22.78 5.46
CA ASN A 134 1.10 21.66 5.19
C ASN A 134 1.85 20.43 4.65
N PHE A 135 1.18 19.28 4.75
CA PHE A 135 1.73 18.04 4.19
C PHE A 135 0.56 17.15 3.76
N PHE A 136 0.41 16.87 2.50
CA PHE A 136 -0.62 15.99 1.97
C PHE A 136 0.10 14.77 1.37
N THR A 137 -0.55 13.61 1.44
CA THR A 137 0.04 12.39 0.88
C THR A 137 -0.76 11.90 -0.33
N GLY A 138 -0.16 10.99 -1.10
CA GLY A 138 -0.90 10.42 -2.23
C GLY A 138 -0.20 10.43 -3.55
N ARG A 139 1.08 10.82 -3.60
CA ARG A 139 1.74 10.89 -4.91
C ARG A 139 2.27 9.51 -5.31
N ALA A 140 1.73 8.97 -6.38
CA ALA A 140 2.21 7.63 -6.82
C ALA A 140 3.63 7.76 -7.37
N PRO A 141 4.42 6.72 -7.27
CA PRO A 141 5.79 6.72 -7.80
C PRO A 141 5.76 7.03 -9.28
N ALA A 142 6.65 7.92 -9.74
CA ALA A 142 6.75 8.30 -11.13
C ALA A 142 7.07 7.05 -11.97
N THR A 143 6.69 7.00 -13.22
CA THR A 143 7.06 5.84 -14.05
C THR A 143 8.02 6.25 -15.15
N GLN A 144 8.24 7.55 -15.32
CA GLN A 144 9.19 8.08 -16.29
C GLN A 144 9.93 9.32 -15.76
N PRO A 145 11.20 9.49 -16.11
CA PRO A 145 11.96 10.66 -15.74
C PRO A 145 11.44 11.90 -16.44
N ALA A 146 11.55 13.07 -15.78
CA ALA A 146 11.06 14.27 -16.50
C ALA A 146 12.09 14.59 -17.60
N PRO A 147 11.67 15.31 -18.62
CA PRO A 147 12.59 15.82 -19.62
C PRO A 147 13.42 16.96 -19.00
N ASP A 148 14.45 17.35 -19.72
CA ASP A 148 15.29 18.48 -19.31
C ASP A 148 14.64 19.68 -19.92
N GLY A 149 15.09 20.89 -19.56
CA GLY A 149 14.52 22.11 -20.12
C GLY A 149 13.34 22.65 -19.34
N LEU A 150 13.06 22.06 -18.17
CA LEU A 150 11.87 22.43 -17.41
C LEU A 150 12.21 23.15 -16.09
N VAL A 151 13.44 23.09 -15.63
CA VAL A 151 13.75 23.77 -14.35
C VAL A 151 14.55 25.03 -14.67
N PRO A 152 14.10 26.19 -14.20
CA PRO A 152 14.74 27.45 -14.52
C PRO A 152 16.21 27.51 -14.15
N GLU A 153 16.96 28.31 -14.89
CA GLU A 153 18.38 28.54 -14.61
C GLU A 153 18.51 30.00 -14.18
N PRO A 154 19.55 30.31 -13.40
CA PRO A 154 19.79 31.68 -12.91
C PRO A 154 20.09 32.65 -14.03
N PHE A 155 20.47 32.14 -15.23
CA PHE A 155 20.79 33.03 -16.32
C PHE A 155 19.62 33.16 -17.29
N HIS A 156 18.47 32.55 -17.04
CA HIS A 156 17.30 32.71 -17.90
C HIS A 156 16.71 34.10 -17.76
N THR A 157 16.05 34.64 -18.80
CA THR A 157 15.48 35.97 -18.61
C THR A 157 14.23 35.90 -17.74
N VAL A 158 13.75 37.10 -17.35
CA VAL A 158 12.52 37.15 -16.59
C VAL A 158 11.37 36.60 -17.44
N ASP A 159 11.37 36.92 -18.75
CA ASP A 159 10.26 36.41 -19.59
C ASP A 159 10.22 34.90 -19.70
N GLN A 160 11.37 34.26 -19.79
CA GLN A 160 11.48 32.83 -19.89
C GLN A 160 10.96 32.18 -18.59
N ILE A 161 11.39 32.77 -17.45
CA ILE A 161 10.94 32.20 -16.17
C ILE A 161 9.44 32.36 -15.98
N ILE A 162 8.89 33.52 -16.24
CA ILE A 162 7.45 33.76 -16.15
C ILE A 162 6.71 32.76 -17.03
N ASN A 163 7.14 32.56 -18.27
CA ASN A 163 6.50 31.61 -19.16
C ASN A 163 6.60 30.19 -18.69
N ARG A 164 7.74 29.76 -18.11
CA ARG A 164 7.87 28.39 -17.63
C ARG A 164 6.92 28.11 -16.46
N VAL A 165 6.87 29.02 -15.46
CA VAL A 165 6.00 28.68 -14.32
C VAL A 165 4.53 28.79 -14.70
N ASN A 166 4.17 29.66 -15.66
CA ASN A 166 2.82 29.73 -16.16
C ASN A 166 2.45 28.42 -16.86
N ASP A 167 3.33 27.82 -17.64
CA ASP A 167 3.05 26.54 -18.29
C ASP A 167 2.91 25.44 -17.25
N ALA A 168 3.90 25.32 -16.34
CA ALA A 168 3.87 24.27 -15.35
C ALA A 168 2.65 24.25 -14.44
N GLY A 169 2.20 25.40 -13.92
CA GLY A 169 1.11 25.32 -12.96
C GLY A 169 0.13 26.42 -13.08
N GLU A 170 0.10 27.16 -14.18
CA GLU A 170 -0.71 28.35 -14.35
C GLU A 170 -0.44 29.43 -13.29
N PHE A 171 0.83 29.51 -12.85
CA PHE A 171 1.25 30.50 -11.89
C PHE A 171 1.54 31.80 -12.62
N ASP A 172 1.04 32.90 -12.08
CA ASP A 172 1.30 34.20 -12.71
C ASP A 172 2.55 34.84 -12.16
N GLU A 173 2.89 36.05 -12.63
CA GLU A 173 4.17 36.68 -12.27
C GLU A 173 4.19 37.02 -10.79
N LEU A 174 3.05 37.26 -10.14
CA LEU A 174 3.07 37.57 -8.70
C LEU A 174 3.38 36.31 -7.91
N GLU A 175 2.85 35.16 -8.32
CA GLU A 175 3.13 33.88 -7.71
C GLU A 175 4.57 33.45 -7.86
N LEU A 176 5.21 33.90 -8.95
CA LEU A 176 6.65 33.64 -9.10
C LEU A 176 7.42 34.29 -7.94
N VAL A 177 7.09 35.54 -7.63
CA VAL A 177 7.71 36.24 -6.52
C VAL A 177 7.40 35.49 -5.25
N PHE A 178 6.14 35.05 -5.02
CA PHE A 178 5.84 34.33 -3.79
C PHE A 178 6.81 33.13 -3.58
N MET A 179 7.04 32.33 -4.63
CA MET A 179 7.83 31.12 -4.40
C MET A 179 9.34 31.40 -4.22
N LEU A 180 9.82 32.52 -4.71
CA LEU A 180 11.23 32.90 -4.51
C LEU A 180 11.52 33.32 -3.09
N SER A 181 10.55 33.38 -2.18
CA SER A 181 10.77 33.64 -0.78
C SER A 181 11.66 32.53 -0.20
N ALA A 182 11.65 31.34 -0.74
CA ALA A 182 12.49 30.23 -0.29
C ALA A 182 13.97 30.58 -0.35
N HIS A 183 14.38 31.51 -1.21
CA HIS A 183 15.80 31.91 -1.17
C HIS A 183 16.19 32.64 0.10
N SER A 184 15.24 32.97 0.99
CA SER A 184 15.56 33.47 2.33
C SER A 184 16.17 32.39 3.21
N VAL A 185 16.14 31.09 2.90
CA VAL A 185 16.79 30.09 3.80
C VAL A 185 17.57 29.21 2.84
N ALA A 186 18.69 29.76 2.32
CA ALA A 186 19.32 29.07 1.19
C ALA A 186 20.74 29.55 0.90
N ALA A 187 21.51 28.62 0.36
CA ALA A 187 22.91 29.01 0.00
C ALA A 187 23.23 28.39 -1.35
N VAL A 188 24.39 28.83 -1.89
CA VAL A 188 24.76 28.45 -3.28
C VAL A 188 26.09 27.69 -3.24
N ASN A 189 26.06 26.43 -3.68
CA ASN A 189 27.28 25.62 -3.60
C ASN A 189 27.98 25.47 -4.95
N ASP A 190 27.24 25.65 -6.04
CA ASP A 190 27.84 25.27 -7.34
C ASP A 190 27.96 26.38 -8.35
N VAL A 191 27.73 27.63 -8.02
CA VAL A 191 27.83 28.67 -9.06
C VAL A 191 29.24 29.22 -9.11
N ASP A 192 29.86 29.46 -7.92
CA ASP A 192 31.23 29.94 -7.83
C ASP A 192 32.07 28.72 -7.51
N PRO A 193 32.97 28.29 -8.40
CA PRO A 193 33.77 27.09 -8.21
C PRO A 193 34.84 27.23 -7.17
N THR A 194 35.10 28.39 -6.62
CA THR A 194 36.11 28.51 -5.58
C THR A 194 35.53 28.46 -4.19
N VAL A 195 34.18 28.57 -4.02
CA VAL A 195 33.72 28.53 -2.62
C VAL A 195 32.29 28.02 -2.59
N GLN A 196 32.01 27.15 -1.65
CA GLN A 196 30.68 26.56 -1.54
C GLN A 196 29.93 27.15 -0.35
N GLY A 197 28.60 27.27 -0.43
CA GLY A 197 27.89 27.69 0.76
C GLY A 197 27.59 29.19 0.93
N LEU A 198 27.64 29.95 -0.16
CA LEU A 198 27.36 31.39 -0.07
C LEU A 198 25.87 31.66 0.02
N PRO A 199 25.39 32.28 1.09
CA PRO A 199 23.97 32.49 1.28
C PRO A 199 23.39 33.57 0.36
N PHE A 200 22.07 33.45 0.10
CA PHE A 200 21.39 34.49 -0.68
C PHE A 200 21.00 35.70 0.18
N ASP A 201 20.86 35.52 1.50
CA ASP A 201 20.60 36.68 2.36
C ASP A 201 21.43 36.52 3.63
N SER A 202 21.50 37.59 4.45
CA SER A 202 22.34 37.55 5.64
C SER A 202 21.77 36.70 6.76
N THR A 203 20.59 36.10 6.60
CA THR A 203 20.00 35.25 7.63
C THR A 203 19.59 33.92 7.05
N PRO A 204 20.41 33.02 6.57
CA PRO A 204 20.00 31.80 5.91
C PRO A 204 19.38 30.76 6.84
N GLY A 205 19.37 31.02 8.15
CA GLY A 205 18.70 30.11 9.10
C GLY A 205 17.35 30.68 9.53
N ILE A 206 16.94 31.86 8.98
CA ILE A 206 15.70 32.48 9.43
C ILE A 206 14.79 32.74 8.25
N PHE A 207 13.56 32.33 8.24
CA PHE A 207 12.63 32.58 7.15
C PHE A 207 12.06 33.99 7.39
N ASP A 208 12.65 34.95 6.69
CA ASP A 208 12.30 36.37 6.82
C ASP A 208 12.42 37.09 5.48
N SER A 209 12.30 38.41 5.49
CA SER A 209 12.33 39.14 4.23
C SER A 209 13.69 39.77 3.98
N GLN A 210 14.76 39.25 4.62
CA GLN A 210 16.05 39.92 4.29
C GLN A 210 16.46 39.65 2.84
N PHE A 211 16.05 38.52 2.28
CA PHE A 211 16.30 38.24 0.86
C PHE A 211 15.71 39.38 0.00
N PHE A 212 14.47 39.84 0.26
CA PHE A 212 13.85 40.91 -0.52
C PHE A 212 14.49 42.28 -0.25
N VAL A 213 14.98 42.52 0.97
CA VAL A 213 15.69 43.78 1.23
C VAL A 213 17.04 43.76 0.50
N GLU A 214 17.80 42.68 0.73
CA GLU A 214 19.21 42.71 0.28
C GLU A 214 19.44 42.58 -1.18
N THR A 215 18.51 41.94 -1.92
CA THR A 215 18.57 41.87 -3.35
C THR A 215 18.21 43.25 -3.95
N GLN A 216 17.58 44.16 -3.19
CA GLN A 216 17.25 45.47 -3.75
C GLN A 216 18.38 46.48 -3.54
N LEU A 217 19.41 46.08 -2.78
CA LEU A 217 20.54 47.07 -2.61
C LEU A 217 21.42 47.02 -3.85
N ARG A 218 22.22 48.10 -4.00
CA ARG A 218 23.18 48.13 -5.12
C ARG A 218 24.24 47.05 -4.97
N GLY A 219 24.49 46.28 -6.05
CA GLY A 219 25.49 45.22 -6.03
C GLY A 219 26.85 45.92 -6.24
N THR A 220 27.81 45.69 -5.37
CA THR A 220 29.10 46.38 -5.47
C THR A 220 30.29 45.46 -5.62
N ALA A 221 30.17 44.16 -5.33
CA ALA A 221 31.34 43.28 -5.48
C ALA A 221 30.93 41.83 -5.61
N PHE A 222 31.85 41.01 -6.12
CA PHE A 222 31.56 39.56 -6.14
C PHE A 222 32.11 39.02 -4.85
N PRO A 223 31.44 38.10 -4.17
CA PRO A 223 31.91 37.61 -2.88
C PRO A 223 33.12 36.68 -3.00
N GLY A 224 33.26 35.99 -4.12
CA GLY A 224 34.41 35.05 -4.25
C GLY A 224 35.09 35.37 -5.59
N SER A 225 34.97 34.51 -6.59
CA SER A 225 35.52 34.84 -7.92
C SER A 225 34.55 35.64 -8.74
N GLY A 226 35.04 36.43 -9.69
CA GLY A 226 34.13 37.25 -10.51
C GLY A 226 33.59 36.58 -11.74
N GLY A 227 32.48 37.06 -12.29
CA GLY A 227 31.99 36.71 -13.60
C GLY A 227 31.51 35.34 -13.90
N ASN A 228 31.10 34.57 -12.88
CA ASN A 228 30.58 33.23 -13.11
C ASN A 228 29.20 33.31 -13.74
N GLN A 229 28.88 32.28 -14.53
CA GLN A 229 27.60 32.32 -15.28
C GLN A 229 26.37 32.33 -14.36
N GLY A 230 25.44 33.25 -14.60
CA GLY A 230 24.27 33.38 -13.71
C GLY A 230 24.49 34.17 -12.42
N GLU A 231 25.66 34.74 -12.18
CA GLU A 231 25.97 35.47 -10.97
C GLU A 231 26.16 36.93 -11.32
N VAL A 232 25.71 37.83 -10.44
CA VAL A 232 25.92 39.27 -10.61
C VAL A 232 26.54 39.79 -9.30
N GLU A 233 26.92 41.07 -9.21
CA GLU A 233 27.54 41.53 -7.98
C GLU A 233 26.52 41.55 -6.82
N SER A 234 26.98 41.38 -5.64
CA SER A 234 26.15 41.42 -4.42
C SER A 234 26.54 42.61 -3.58
N PRO A 235 25.73 42.96 -2.57
CA PRO A 235 25.99 44.13 -1.76
C PRO A 235 26.79 43.93 -0.50
N LEU A 236 27.10 42.66 -0.15
CA LEU A 236 27.78 42.36 1.10
C LEU A 236 28.78 41.24 0.91
N PRO A 237 29.92 41.31 1.61
CA PRO A 237 30.90 40.26 1.52
C PRO A 237 30.24 38.95 1.97
N GLY A 238 30.52 37.84 1.32
CA GLY A 238 29.99 36.55 1.74
C GLY A 238 28.59 36.23 1.18
N GLU A 239 27.88 37.25 0.69
CA GLU A 239 26.55 36.96 0.12
C GLU A 239 26.65 36.85 -1.40
N ILE A 240 25.94 35.92 -2.01
CA ILE A 240 25.92 35.82 -3.46
C ILE A 240 24.59 36.34 -3.96
N ARG A 241 24.58 36.84 -5.22
CA ARG A 241 23.30 37.23 -5.85
C ARG A 241 23.34 36.65 -7.26
N ILE A 242 22.22 36.02 -7.63
CA ILE A 242 22.13 35.42 -8.97
C ILE A 242 21.41 36.39 -9.87
N GLN A 243 21.61 36.29 -11.19
CA GLN A 243 21.04 37.18 -12.17
C GLN A 243 19.51 37.19 -12.19
N SER A 244 18.86 36.04 -12.12
CA SER A 244 17.39 36.02 -12.17
C SER A 244 16.75 36.76 -11.00
N ASP A 245 17.27 36.56 -9.78
CA ASP A 245 16.68 37.26 -8.62
C ASP A 245 16.88 38.75 -8.81
N HIS A 246 18.11 39.15 -9.20
CA HIS A 246 18.43 40.55 -9.39
C HIS A 246 17.46 41.20 -10.41
N THR A 247 17.21 40.53 -11.54
CA THR A 247 16.34 41.13 -12.56
C THR A 247 14.85 41.07 -12.21
N ILE A 248 14.42 40.06 -11.47
CA ILE A 248 13.00 40.00 -11.05
C ILE A 248 12.68 41.12 -10.08
N ALA A 249 13.67 41.47 -9.24
CA ALA A 249 13.45 42.51 -8.25
C ALA A 249 13.33 43.89 -8.89
N ARG A 250 13.86 44.04 -10.10
CA ARG A 250 13.84 45.37 -10.73
C ARG A 250 12.93 45.46 -11.95
N ASP A 251 12.35 44.36 -12.38
CA ASP A 251 11.43 44.38 -13.53
C ASP A 251 10.16 45.11 -13.14
N SER A 252 9.59 45.95 -14.02
CA SER A 252 8.38 46.70 -13.72
C SER A 252 7.17 45.81 -13.48
N ARG A 253 7.10 44.58 -13.96
CA ARG A 253 5.99 43.71 -13.66
C ARG A 253 6.01 43.19 -12.21
N THR A 254 7.20 42.91 -11.70
CA THR A 254 7.32 42.21 -10.41
C THR A 254 7.93 43.02 -9.30
N ALA A 255 8.49 44.19 -9.57
CA ALA A 255 9.20 44.93 -8.53
C ALA A 255 8.35 45.33 -7.38
N CYS A 256 7.10 45.79 -7.61
CA CYS A 256 6.28 46.18 -6.44
C CYS A 256 5.87 44.98 -5.60
N GLU A 257 5.69 43.82 -6.18
CA GLU A 257 5.33 42.62 -5.37
C GLU A 257 6.58 42.17 -4.57
N TRP A 258 7.77 42.30 -5.19
CA TRP A 258 9.02 41.96 -4.51
C TRP A 258 9.22 42.83 -3.29
N GLN A 259 8.92 44.15 -3.43
CA GLN A 259 9.09 45.07 -2.32
C GLN A 259 8.00 44.92 -1.25
N SER A 260 6.85 44.40 -1.60
CA SER A 260 5.74 44.25 -0.66
C SER A 260 6.07 43.35 0.52
N PHE A 261 7.04 42.44 0.39
CA PHE A 261 7.37 41.59 1.56
C PHE A 261 8.25 42.27 2.62
N VAL A 262 8.88 43.38 2.21
CA VAL A 262 9.78 44.08 3.16
C VAL A 262 8.99 44.62 4.36
N ASN A 263 9.39 44.23 5.55
CA ASN A 263 8.69 44.66 6.76
C ASN A 263 7.22 44.21 6.77
N ASN A 264 6.89 43.09 6.15
CA ASN A 264 5.51 42.59 6.14
C ASN A 264 5.57 41.07 6.33
N GLN A 265 5.75 40.68 7.57
CA GLN A 265 5.93 39.26 7.88
C GLN A 265 4.66 38.47 7.57
N SER A 266 3.51 39.05 7.92
CA SER A 266 2.28 38.26 7.67
C SER A 266 2.05 37.99 6.20
N LYS A 267 2.36 38.89 5.28
CA LYS A 267 2.19 38.58 3.86
C LYS A 267 3.21 37.55 3.43
N LEU A 268 4.46 37.69 3.91
CA LEU A 268 5.49 36.72 3.53
C LEU A 268 5.03 35.33 3.92
N VAL A 269 4.63 35.12 5.20
CA VAL A 269 4.26 33.78 5.66
C VAL A 269 3.01 33.26 4.94
N ASP A 270 2.01 34.12 4.80
CA ASP A 270 0.77 33.64 4.16
C ASP A 270 0.98 33.32 2.68
N ASP A 271 1.69 34.12 1.94
CA ASP A 271 1.93 33.87 0.52
C ASP A 271 2.82 32.65 0.33
N PHE A 272 3.86 32.48 1.18
CA PHE A 272 4.69 31.30 0.93
C PHE A 272 3.99 30.01 1.33
N GLN A 273 3.23 30.08 2.42
CA GLN A 273 2.48 28.89 2.85
C GLN A 273 1.63 28.38 1.68
N PHE A 274 0.90 29.31 1.06
CA PHE A 274 0.02 29.05 -0.04
C PHE A 274 0.76 28.46 -1.24
N ILE A 275 1.84 29.10 -1.67
CA ILE A 275 2.51 28.65 -2.92
C ILE A 275 3.29 27.36 -2.71
N PHE A 276 3.80 27.13 -1.49
CA PHE A 276 4.55 25.88 -1.24
C PHE A 276 3.55 24.71 -1.38
N LEU A 277 2.40 24.85 -0.76
CA LEU A 277 1.40 23.77 -0.89
C LEU A 277 1.12 23.56 -2.37
N ALA A 278 0.86 24.62 -3.15
CA ALA A 278 0.58 24.43 -4.57
C ALA A 278 1.68 23.72 -5.33
N LEU A 279 2.98 24.02 -5.03
CA LEU A 279 4.04 23.33 -5.73
C LEU A 279 4.00 21.83 -5.46
N THR A 280 3.74 21.43 -4.21
CA THR A 280 3.74 20.03 -3.83
C THR A 280 2.51 19.30 -4.41
N GLN A 281 1.51 19.98 -4.95
CA GLN A 281 0.39 19.31 -5.56
C GLN A 281 0.44 19.25 -7.08
N LEU A 282 1.54 19.73 -7.67
CA LEU A 282 1.65 19.73 -9.11
C LEU A 282 1.62 18.30 -9.67
N GLY A 283 0.76 18.15 -10.70
CA GLY A 283 0.64 16.81 -11.33
C GLY A 283 -0.32 15.91 -10.59
N GLN A 284 -0.90 16.40 -9.49
CA GLN A 284 -1.77 15.62 -8.63
C GLN A 284 -3.20 16.15 -8.61
N ASP A 285 -4.13 15.34 -8.12
CA ASP A 285 -5.51 15.82 -7.96
C ASP A 285 -5.68 16.07 -6.47
N PRO A 286 -5.84 17.33 -6.07
CA PRO A 286 -5.93 17.72 -4.69
C PRO A 286 -6.99 17.02 -3.90
N ASN A 287 -8.15 16.74 -4.52
CA ASN A 287 -9.21 16.06 -3.75
C ASN A 287 -8.92 14.58 -3.59
N ALA A 288 -7.92 14.03 -4.27
CA ALA A 288 -7.57 12.63 -4.08
C ALA A 288 -6.46 12.44 -3.07
N MET A 289 -5.98 13.52 -2.44
CA MET A 289 -4.85 13.44 -1.52
C MET A 289 -5.31 13.48 -0.08
N THR A 290 -4.48 13.02 0.83
CA THR A 290 -4.90 12.99 2.25
C THR A 290 -4.15 14.06 3.01
N ASP A 291 -4.89 14.80 3.84
CA ASP A 291 -4.23 15.83 4.63
C ASP A 291 -3.60 15.31 5.90
N CYS A 292 -2.25 15.26 5.91
CA CYS A 292 -1.55 14.84 7.12
C CYS A 292 -0.76 16.04 7.70
N SER A 293 -1.29 17.27 7.50
CA SER A 293 -0.61 18.46 8.03
C SER A 293 -0.46 18.44 9.54
N ASP A 294 -1.32 17.72 10.29
CA ASP A 294 -1.13 17.68 11.74
C ASP A 294 0.12 16.94 12.20
N VAL A 295 0.84 16.19 11.40
CA VAL A 295 2.11 15.61 11.75
C VAL A 295 3.24 16.63 11.74
N ILE A 296 3.12 17.66 10.90
CA ILE A 296 4.22 18.66 10.83
C ILE A 296 4.31 19.45 12.10
N PRO A 297 5.51 19.62 12.64
CA PRO A 297 5.75 20.37 13.85
C PRO A 297 5.32 21.82 13.69
N GLN A 298 4.94 22.45 14.79
CA GLN A 298 4.63 23.86 14.77
C GLN A 298 5.93 24.64 14.51
N SER A 299 5.82 25.66 13.65
CA SER A 299 6.99 26.50 13.38
C SER A 299 7.24 27.40 14.59
N LYS A 300 8.44 27.88 14.76
CA LYS A 300 8.78 28.75 15.88
C LYS A 300 8.95 30.20 15.44
N PRO A 301 8.79 31.14 16.37
CA PRO A 301 8.88 32.55 16.05
C PRO A 301 10.36 32.93 15.92
N ILE A 302 10.65 34.05 15.31
CA ILE A 302 12.06 34.49 15.26
C ILE A 302 12.39 34.96 16.67
N PRO A 303 13.48 34.51 17.25
CA PRO A 303 13.86 34.89 18.60
C PRO A 303 14.49 36.28 18.63
N GLY A 304 14.52 36.86 19.84
CA GLY A 304 15.14 38.14 20.05
C GLY A 304 14.19 39.31 19.92
N ASN A 305 14.75 40.50 19.84
CA ASN A 305 13.92 41.71 19.78
C ASN A 305 14.37 42.65 18.66
N LEU A 306 15.00 42.14 17.61
CA LEU A 306 15.32 43.07 16.50
C LEU A 306 14.05 43.28 15.65
N PRO A 307 13.96 44.35 14.87
CA PRO A 307 12.87 44.60 13.96
C PRO A 307 12.80 43.40 12.97
N PHE A 308 11.62 43.16 12.40
CA PHE A 308 11.49 42.00 11.48
C PHE A 308 12.38 42.16 10.27
N SER A 309 12.42 43.33 9.65
CA SER A 309 13.28 43.66 8.54
C SER A 309 14.18 44.84 8.98
N PHE A 310 15.37 44.85 8.42
CA PHE A 310 16.38 45.86 8.79
C PHE A 310 17.40 45.93 7.66
N PHE A 311 18.17 47.01 7.62
CA PHE A 311 19.33 47.05 6.71
C PHE A 311 20.46 46.40 7.49
N PRO A 312 21.29 45.56 6.87
CA PRO A 312 22.52 45.06 7.43
C PRO A 312 23.47 46.22 7.79
N ALA A 313 24.36 45.98 8.75
CA ALA A 313 25.27 47.09 9.12
C ALA A 313 25.96 47.60 7.85
N GLY A 314 26.17 48.93 7.83
CA GLY A 314 26.88 49.56 6.75
C GLY A 314 25.99 49.97 5.60
N LYS A 315 24.69 49.66 5.64
CA LYS A 315 23.81 50.01 4.54
C LYS A 315 22.66 50.88 5.03
N THR A 316 22.27 51.82 4.15
CA THR A 316 21.15 52.70 4.47
C THR A 316 20.24 52.81 3.27
N ILE A 317 19.19 53.61 3.32
CA ILE A 317 18.26 53.81 2.21
C ILE A 317 18.94 54.28 0.96
N LYS A 318 20.05 55.05 1.02
CA LYS A 318 20.77 55.49 -0.14
C LYS A 318 21.34 54.32 -0.94
N ASP A 319 21.51 53.11 -0.36
CA ASP A 319 22.04 51.98 -1.10
C ASP A 319 20.95 51.15 -1.82
N VAL A 320 19.69 51.55 -1.67
CA VAL A 320 18.59 50.82 -2.28
C VAL A 320 18.36 51.30 -3.71
N GLU A 321 18.21 50.40 -4.64
CA GLU A 321 17.86 50.78 -6.01
C GLU A 321 16.32 50.63 -6.08
N GLN A 322 15.64 51.74 -5.89
CA GLN A 322 14.19 51.75 -5.89
C GLN A 322 13.66 51.34 -7.25
N ALA A 323 12.83 50.31 -7.29
CA ALA A 323 12.30 49.88 -8.59
C ALA A 323 10.78 49.93 -8.56
N CYS A 324 10.15 50.01 -7.39
CA CYS A 324 8.71 50.02 -7.34
C CYS A 324 8.26 51.49 -7.52
N ALA A 325 7.56 51.74 -8.62
CA ALA A 325 7.09 53.11 -8.87
C ALA A 325 5.88 53.49 -8.05
N GLU A 326 5.15 52.59 -7.44
CA GLU A 326 3.95 52.94 -6.69
C GLU A 326 4.15 53.31 -5.24
N THR A 327 5.16 52.68 -4.60
CA THR A 327 5.34 52.83 -3.15
C THR A 327 6.83 52.92 -2.86
N PRO A 328 7.26 53.95 -2.14
CA PRO A 328 8.66 54.10 -1.80
C PRO A 328 9.13 52.97 -0.87
N PHE A 329 10.39 52.54 -1.05
CA PHE A 329 10.92 51.47 -0.18
C PHE A 329 10.82 51.96 1.25
N PRO A 330 10.44 51.11 2.20
CA PRO A 330 10.29 51.52 3.59
C PRO A 330 11.59 51.94 4.23
N THR A 331 11.54 52.93 5.14
CA THR A 331 12.74 53.36 5.86
C THR A 331 12.95 52.38 7.00
N LEU A 332 13.98 51.59 6.90
CA LEU A 332 14.25 50.58 7.93
C LEU A 332 15.38 51.13 8.81
N THR A 333 15.58 50.51 9.93
CA THR A 333 16.73 50.80 10.77
C THR A 333 17.95 50.03 10.27
N THR A 334 19.15 50.57 10.59
CA THR A 334 20.39 49.91 10.17
C THR A 334 21.05 49.25 11.38
N LEU A 335 21.54 48.02 11.31
CA LEU A 335 22.24 47.42 12.45
C LEU A 335 23.53 48.22 12.66
N PRO A 336 23.98 48.29 13.92
CA PRO A 336 25.14 49.10 14.25
C PRO A 336 26.47 48.52 13.84
N GLY A 337 27.44 49.40 13.62
CA GLY A 337 28.80 48.94 13.43
C GLY A 337 29.20 48.83 11.97
N PRO A 338 30.38 48.28 11.76
CA PRO A 338 30.92 48.15 10.41
C PRO A 338 30.22 47.04 9.65
N GLU A 339 30.29 47.14 8.33
CA GLU A 339 29.76 46.03 7.51
C GLU A 339 30.46 44.71 7.86
N THR A 340 29.80 43.59 7.96
CA THR A 340 30.40 42.30 8.31
C THR A 340 30.10 41.21 7.27
N SER A 341 30.96 40.23 7.13
CA SER A 341 30.67 39.29 6.06
C SER A 341 29.65 38.26 6.53
N VAL A 342 28.82 37.84 5.59
CA VAL A 342 27.86 36.78 5.84
C VAL A 342 28.65 35.47 5.94
N GLN A 343 28.42 34.67 6.95
CA GLN A 343 29.19 33.42 7.09
C GLN A 343 28.73 32.34 6.14
N ARG A 344 29.66 31.53 5.61
CA ARG A 344 29.26 30.47 4.69
C ARG A 344 28.61 29.31 5.43
N ILE A 345 27.85 28.54 4.69
CA ILE A 345 27.17 27.33 5.20
C ILE A 345 27.74 26.13 4.47
N PRO A 346 28.74 25.47 5.02
CA PRO A 346 29.39 24.35 4.36
C PRO A 346 28.43 23.21 4.15
N PRO A 347 28.36 22.67 2.95
CA PRO A 347 27.49 21.57 2.63
C PRO A 347 28.16 20.22 2.87
N PRO A 348 27.38 19.16 2.94
CA PRO A 348 27.96 17.82 3.04
C PRO A 348 28.78 17.56 1.79
N PRO A 349 29.63 16.54 1.80
CA PRO A 349 30.42 16.15 0.64
C PRO A 349 29.58 15.82 -0.57
N GLY A 350 30.06 16.15 -1.77
CA GLY A 350 29.33 15.88 -3.01
C GLY A 350 28.36 16.96 -3.41
N ALA A 351 28.19 18.05 -2.67
CA ALA A 351 27.24 19.10 -3.07
C ALA A 351 27.76 19.95 -4.22
N ARG B 7 -35.63 -47.71 -3.91
CA ARG B 7 -36.19 -46.50 -3.18
C ARG B 7 -36.86 -47.00 -1.89
N ALA B 8 -36.66 -46.33 -0.78
CA ALA B 8 -37.25 -46.78 0.48
C ALA B 8 -37.68 -45.60 1.32
N THR B 9 -38.65 -45.78 2.23
CA THR B 9 -39.02 -44.68 3.10
C THR B 9 -38.47 -44.95 4.49
N CYS B 10 -37.72 -44.05 5.12
CA CYS B 10 -37.19 -44.27 6.43
C CYS B 10 -38.29 -44.02 7.48
N SER B 11 -37.99 -44.38 8.70
CA SER B 11 -38.89 -44.15 9.82
C SER B 11 -39.37 -42.72 9.99
N ASN B 12 -38.51 -41.75 9.67
CA ASN B 12 -38.86 -40.33 9.79
C ASN B 12 -39.65 -39.82 8.63
N GLY B 13 -40.09 -40.68 7.70
CA GLY B 13 -40.86 -40.35 6.53
C GLY B 13 -40.08 -39.89 5.32
N LYS B 14 -38.75 -39.79 5.39
CA LYS B 14 -37.99 -39.31 4.24
C LYS B 14 -37.68 -40.45 3.30
N THR B 15 -37.74 -40.23 1.97
CA THR B 15 -37.37 -41.29 1.05
C THR B 15 -35.89 -41.20 0.70
N VAL B 16 -35.25 -42.36 0.51
CA VAL B 16 -33.83 -42.42 0.20
C VAL B 16 -33.67 -43.46 -0.91
N GLY B 17 -32.52 -43.52 -1.53
CA GLY B 17 -32.36 -44.51 -2.61
C GLY B 17 -32.18 -45.95 -2.16
N ASP B 18 -31.87 -46.17 -0.87
CA ASP B 18 -31.59 -47.52 -0.39
C ASP B 18 -31.84 -47.53 1.11
N ALA B 19 -32.51 -48.57 1.62
CA ALA B 19 -32.85 -48.55 3.04
C ALA B 19 -31.64 -48.53 3.94
N SER B 20 -30.44 -48.93 3.50
CA SER B 20 -29.25 -48.84 4.32
C SER B 20 -28.91 -47.38 4.63
N CYS B 21 -29.38 -46.44 3.82
CA CYS B 21 -29.08 -45.04 4.09
C CYS B 21 -29.81 -44.52 5.31
N CYS B 22 -30.96 -45.14 5.69
CA CYS B 22 -31.71 -44.62 6.83
C CYS B 22 -30.97 -44.53 8.14
N ALA B 23 -30.02 -45.40 8.44
CA ALA B 23 -29.28 -45.27 9.73
C ALA B 23 -28.46 -43.97 9.79
N TRP B 24 -28.15 -43.37 8.61
CA TRP B 24 -27.39 -42.11 8.67
C TRP B 24 -28.20 -40.94 9.17
N PHE B 25 -29.55 -41.04 9.23
CA PHE B 25 -30.29 -39.97 9.90
C PHE B 25 -29.92 -39.95 11.37
N ASP B 26 -29.63 -41.03 12.07
CA ASP B 26 -29.25 -41.05 13.47
C ASP B 26 -27.89 -40.33 13.63
N VAL B 27 -27.00 -40.55 12.66
CA VAL B 27 -25.69 -39.90 12.71
C VAL B 27 -25.90 -38.42 12.45
N LEU B 28 -26.73 -38.07 11.46
CA LEU B 28 -26.99 -36.67 11.21
C LEU B 28 -27.43 -35.92 12.49
N ASP B 29 -28.43 -36.46 13.19
CA ASP B 29 -28.92 -35.69 14.36
C ASP B 29 -27.81 -35.49 15.38
N ASP B 30 -27.05 -36.54 15.64
CA ASP B 30 -25.97 -36.47 16.62
C ASP B 30 -24.89 -35.46 16.25
N ILE B 31 -24.43 -35.44 14.97
CA ILE B 31 -23.36 -34.46 14.71
C ILE B 31 -23.89 -33.06 14.60
N GLN B 32 -25.14 -32.88 14.15
CA GLN B 32 -25.65 -31.51 14.03
C GLN B 32 -25.69 -30.91 15.45
N GLN B 33 -26.11 -31.71 16.41
CA GLN B 33 -26.19 -31.16 17.78
C GLN B 33 -24.85 -31.13 18.49
N ASN B 34 -24.10 -32.21 18.45
CA ASN B 34 -22.89 -32.39 19.22
C ASN B 34 -21.56 -32.13 18.59
N LEU B 35 -21.51 -31.90 17.28
CA LEU B 35 -20.24 -31.53 16.65
C LEU B 35 -20.37 -30.11 16.08
N PHE B 36 -21.48 -29.80 15.45
CA PHE B 36 -21.65 -28.53 14.75
C PHE B 36 -22.51 -27.55 15.56
N HIS B 37 -22.64 -27.79 16.87
CA HIS B 37 -23.35 -26.81 17.72
C HIS B 37 -24.68 -26.34 17.19
N GLY B 38 -25.56 -27.25 16.80
CA GLY B 38 -26.86 -26.89 16.27
C GLY B 38 -26.84 -26.51 14.81
N GLY B 39 -26.03 -27.14 13.97
CA GLY B 39 -26.07 -26.83 12.54
C GLY B 39 -25.34 -25.55 12.13
N GLN B 40 -24.25 -25.18 12.75
CA GLN B 40 -23.58 -23.93 12.37
C GLN B 40 -22.51 -24.19 11.30
N CYS B 41 -22.22 -23.19 10.55
CA CYS B 41 -21.10 -23.17 9.57
C CYS B 41 -19.97 -22.43 10.28
N GLY B 42 -19.49 -23.00 11.38
CA GLY B 42 -18.44 -22.44 12.19
C GLY B 42 -17.11 -23.19 12.05
N ALA B 43 -16.31 -23.13 13.15
CA ALA B 43 -15.00 -23.73 13.08
C ALA B 43 -15.04 -25.24 12.81
N GLU B 44 -15.85 -26.00 13.53
CA GLU B 44 -15.86 -27.45 13.36
C GLU B 44 -16.33 -27.81 11.92
N ALA B 45 -17.29 -27.07 11.42
CA ALA B 45 -17.72 -27.33 10.01
C ALA B 45 -16.60 -27.07 9.02
N HIS B 46 -15.91 -25.95 9.14
CA HIS B 46 -14.78 -25.63 8.24
C HIS B 46 -13.69 -26.70 8.40
N GLU B 47 -13.34 -27.14 9.61
CA GLU B 47 -12.31 -28.18 9.76
C GLU B 47 -12.77 -29.51 9.13
N SER B 48 -14.04 -29.85 9.20
CA SER B 48 -14.52 -31.06 8.60
C SER B 48 -14.47 -30.99 7.07
N ILE B 49 -14.70 -29.82 6.44
CA ILE B 49 -14.56 -29.74 4.99
C ILE B 49 -13.08 -29.87 4.59
N ARG B 50 -12.18 -29.20 5.34
CA ARG B 50 -10.73 -29.40 5.04
C ARG B 50 -10.37 -30.87 5.18
N LEU B 51 -10.89 -31.58 6.21
CA LEU B 51 -10.50 -32.98 6.43
C LEU B 51 -10.80 -33.84 5.22
N VAL B 52 -11.93 -33.61 4.52
CA VAL B 52 -12.26 -34.40 3.33
C VAL B 52 -11.11 -34.36 2.31
N PHE B 53 -10.59 -33.15 2.05
CA PHE B 53 -9.53 -33.07 1.05
C PHE B 53 -8.23 -33.75 1.52
N HIS B 54 -7.92 -33.62 2.80
CA HIS B 54 -6.63 -34.20 3.28
C HIS B 54 -6.72 -35.73 3.38
N ASP B 55 -7.91 -36.26 3.59
CA ASP B 55 -8.07 -37.72 3.54
C ASP B 55 -8.02 -38.15 2.08
N SER B 56 -8.73 -37.50 1.17
CA SER B 56 -8.98 -38.02 -0.17
C SER B 56 -7.86 -37.84 -1.17
N ILE B 57 -7.14 -36.74 -1.13
CA ILE B 57 -6.11 -36.50 -2.17
C ILE B 57 -4.87 -37.32 -2.00
N ALA B 58 -4.74 -38.01 -0.89
CA ALA B 58 -3.50 -38.79 -0.62
C ALA B 58 -3.60 -40.17 -1.27
N ILE B 59 -3.42 -40.13 -2.59
CA ILE B 59 -3.50 -41.34 -3.42
C ILE B 59 -2.58 -41.01 -4.58
N SER B 60 -1.76 -42.00 -5.00
CA SER B 60 -0.84 -41.72 -6.08
C SER B 60 -0.56 -42.95 -6.95
N PRO B 61 -1.28 -43.08 -8.05
CA PRO B 61 -1.03 -44.08 -9.06
C PRO B 61 0.41 -44.01 -9.56
N ALA B 62 1.08 -42.86 -9.60
CA ALA B 62 2.51 -42.84 -9.99
C ALA B 62 3.38 -43.60 -8.98
N MET B 63 3.11 -43.50 -7.67
CA MET B 63 3.85 -44.29 -6.69
C MET B 63 3.51 -45.76 -6.85
N GLU B 64 2.24 -46.10 -7.09
CA GLU B 64 1.89 -47.51 -7.26
C GLU B 64 2.63 -48.15 -8.44
N ALA B 65 2.84 -47.42 -9.54
CA ALA B 65 3.60 -47.92 -10.68
C ALA B 65 5.05 -48.21 -10.35
N GLN B 66 5.58 -47.68 -9.26
CA GLN B 66 6.95 -47.91 -8.82
C GLN B 66 7.03 -49.05 -7.81
N GLY B 67 5.89 -49.69 -7.48
CA GLY B 67 5.87 -50.76 -6.49
C GLY B 67 5.73 -50.23 -5.08
N LYS B 68 5.33 -48.94 -4.94
CA LYS B 68 5.22 -48.38 -3.61
C LYS B 68 3.75 -48.15 -3.22
N PHE B 69 3.50 -48.24 -1.90
CA PHE B 69 2.07 -48.00 -1.56
C PHE B 69 1.85 -46.51 -1.76
N GLY B 70 0.82 -46.10 -2.51
CA GLY B 70 0.64 -44.66 -2.75
C GLY B 70 -0.56 -44.06 -2.01
N GLY B 71 -1.16 -44.77 -1.08
CA GLY B 71 -2.32 -44.18 -0.37
C GLY B 71 -3.58 -44.80 -0.94
N GLY B 72 -4.63 -44.90 -0.11
CA GLY B 72 -5.90 -45.43 -0.61
C GLY B 72 -6.93 -44.34 -0.93
N GLY B 73 -6.64 -43.06 -0.87
CA GLY B 73 -7.61 -42.03 -1.32
C GLY B 73 -8.62 -41.76 -0.23
N ALA B 74 -9.92 -41.74 -0.44
CA ALA B 74 -10.91 -41.47 0.60
C ALA B 74 -11.23 -42.76 1.33
N ASP B 75 -10.36 -43.10 2.29
CA ASP B 75 -10.44 -44.36 3.00
C ASP B 75 -10.41 -44.21 4.52
N GLY B 76 -10.52 -42.96 5.02
CA GLY B 76 -10.49 -42.74 6.48
C GLY B 76 -9.07 -42.95 7.05
N SER B 77 -8.02 -42.99 6.22
CA SER B 77 -6.67 -43.24 6.80
C SER B 77 -6.21 -42.12 7.69
N ILE B 78 -6.60 -40.85 7.43
CA ILE B 78 -6.16 -39.77 8.31
C ILE B 78 -6.77 -39.84 9.72
N MET B 79 -7.86 -40.54 9.90
CA MET B 79 -8.50 -40.76 11.18
C MET B 79 -7.95 -42.02 11.82
N ILE B 80 -7.83 -43.09 11.04
CA ILE B 80 -7.38 -44.37 11.58
C ILE B 80 -5.94 -44.28 12.05
N PHE B 81 -5.11 -43.65 11.22
CA PHE B 81 -3.69 -43.53 11.50
C PHE B 81 -3.42 -42.07 11.81
N ASP B 82 -4.27 -41.43 12.64
CA ASP B 82 -4.05 -39.98 12.85
C ASP B 82 -2.72 -39.60 13.48
N ASP B 83 -2.12 -40.49 14.27
CA ASP B 83 -0.83 -40.17 14.89
C ASP B 83 0.28 -40.11 13.84
N ILE B 84 0.14 -40.77 12.72
CA ILE B 84 1.09 -40.68 11.62
C ILE B 84 0.73 -39.50 10.68
N GLU B 85 -0.46 -39.60 10.07
CA GLU B 85 -0.79 -38.57 9.07
C GLU B 85 -0.89 -37.15 9.55
N THR B 86 -1.40 -36.94 10.80
CA THR B 86 -1.59 -35.55 11.21
C THR B 86 -0.28 -34.91 11.66
N ALA B 87 0.83 -35.65 11.70
CA ALA B 87 2.15 -35.09 12.00
C ALA B 87 2.80 -34.61 10.71
N PHE B 88 2.27 -34.99 9.53
CA PHE B 88 2.83 -34.46 8.29
C PHE B 88 2.57 -32.94 8.25
N HIS B 89 3.51 -32.17 7.71
CA HIS B 89 3.35 -30.72 7.69
C HIS B 89 2.11 -30.17 7.00
N PRO B 90 1.74 -30.67 5.83
CA PRO B 90 0.54 -30.16 5.16
C PRO B 90 -0.70 -30.43 6.00
N ASN B 91 -0.73 -31.41 6.90
CA ASN B 91 -1.87 -31.76 7.71
C ASN B 91 -1.91 -31.11 9.09
N ILE B 92 -1.09 -30.09 9.31
CA ILE B 92 -0.98 -29.42 10.58
C ILE B 92 -2.35 -28.95 11.02
N GLY B 93 -2.59 -29.14 12.30
CA GLY B 93 -3.79 -28.75 13.00
C GLY B 93 -4.96 -29.68 12.79
N LEU B 94 -4.86 -30.74 11.98
CA LEU B 94 -6.03 -31.60 11.76
C LEU B 94 -6.30 -32.59 12.83
N ASP B 95 -5.34 -32.86 13.75
CA ASP B 95 -5.61 -33.86 14.78
C ASP B 95 -6.73 -33.39 15.73
N GLU B 96 -6.89 -32.07 15.87
CA GLU B 96 -7.99 -31.57 16.69
C GLU B 96 -9.34 -32.04 16.14
N ILE B 97 -9.60 -31.85 14.83
CA ILE B 97 -10.95 -32.24 14.31
C ILE B 97 -11.08 -33.76 14.25
N VAL B 98 -9.97 -34.47 13.97
CA VAL B 98 -10.06 -35.94 14.00
C VAL B 98 -10.51 -36.42 15.38
N LYS B 99 -9.89 -35.86 16.45
CA LYS B 99 -10.26 -36.26 17.79
C LYS B 99 -11.70 -35.94 18.14
N LEU B 100 -12.21 -34.82 17.61
CA LEU B 100 -13.66 -34.54 17.84
C LEU B 100 -14.55 -35.49 17.10
N GLN B 101 -14.17 -35.96 15.90
CA GLN B 101 -14.99 -36.84 15.08
C GLN B 101 -14.94 -38.30 15.52
N LYS B 102 -13.82 -38.77 16.04
CA LYS B 102 -13.68 -40.17 16.37
C LYS B 102 -14.78 -40.81 17.20
N PRO B 103 -15.23 -40.19 18.27
CA PRO B 103 -16.27 -40.83 19.10
C PRO B 103 -17.55 -41.03 18.35
N PHE B 104 -17.86 -40.22 17.31
CA PHE B 104 -19.10 -40.47 16.58
C PHE B 104 -18.99 -41.71 15.75
N VAL B 105 -17.79 -42.01 15.22
CA VAL B 105 -17.57 -43.17 14.39
C VAL B 105 -17.75 -44.41 15.26
N GLN B 106 -17.10 -44.37 16.41
CA GLN B 106 -17.25 -45.55 17.31
C GLN B 106 -18.70 -45.77 17.69
N LYS B 107 -19.40 -44.71 18.06
CA LYS B 107 -20.79 -44.84 18.55
C LYS B 107 -21.79 -45.28 17.51
N HIS B 108 -21.61 -44.88 16.24
CA HIS B 108 -22.59 -45.27 15.23
C HIS B 108 -22.18 -46.45 14.37
N GLY B 109 -20.95 -46.94 14.56
CA GLY B 109 -20.54 -48.11 13.81
C GLY B 109 -20.40 -47.96 12.31
N VAL B 110 -19.99 -46.80 11.84
CA VAL B 110 -19.83 -46.54 10.40
C VAL B 110 -18.35 -46.55 10.06
N THR B 111 -17.97 -46.62 8.79
CA THR B 111 -16.52 -46.60 8.54
C THR B 111 -15.99 -45.17 8.63
N PRO B 112 -14.77 -45.02 9.08
CA PRO B 112 -14.13 -43.73 9.22
C PRO B 112 -14.15 -42.97 7.89
N GLY B 113 -13.91 -43.63 6.75
CA GLY B 113 -13.91 -42.84 5.51
C GLY B 113 -15.33 -42.37 5.16
N ASP B 114 -16.35 -43.16 5.38
CA ASP B 114 -17.72 -42.70 5.06
C ASP B 114 -18.09 -41.56 6.04
N PHE B 115 -17.67 -41.72 7.31
CA PHE B 115 -18.01 -40.62 8.24
C PHE B 115 -17.37 -39.30 7.81
N ILE B 116 -16.06 -39.32 7.44
CA ILE B 116 -15.42 -38.09 7.01
C ILE B 116 -16.13 -37.48 5.80
N ALA B 117 -16.54 -38.29 4.86
CA ALA B 117 -17.25 -37.73 3.68
C ALA B 117 -18.63 -37.20 4.10
N PHE B 118 -19.35 -37.88 4.99
CA PHE B 118 -20.66 -37.42 5.47
C PHE B 118 -20.56 -36.09 6.22
N ALA B 119 -19.63 -36.01 7.18
CA ALA B 119 -19.43 -34.81 8.00
C ALA B 119 -19.02 -33.62 7.15
N GLY B 120 -18.24 -33.86 6.07
CA GLY B 120 -17.91 -32.72 5.19
C GLY B 120 -19.15 -32.25 4.42
N ALA B 121 -19.99 -33.17 3.97
CA ALA B 121 -21.20 -32.73 3.23
C ALA B 121 -22.19 -32.05 4.14
N VAL B 122 -22.40 -32.63 5.33
CA VAL B 122 -23.31 -31.91 6.27
C VAL B 122 -22.76 -30.57 6.68
N ALA B 123 -21.46 -30.45 6.96
CA ALA B 123 -20.85 -29.18 7.30
C ALA B 123 -21.17 -28.13 6.22
N LEU B 124 -21.02 -28.51 4.94
CA LEU B 124 -21.31 -27.54 3.87
C LEU B 124 -22.78 -27.19 3.76
N SER B 125 -23.67 -28.14 4.02
CA SER B 125 -25.10 -27.84 4.02
C SER B 125 -25.46 -26.81 5.06
N ASN B 126 -24.67 -26.65 6.12
CA ASN B 126 -24.93 -25.63 7.13
C ASN B 126 -24.55 -24.26 6.63
N CYS B 127 -23.77 -24.09 5.58
CA CYS B 127 -23.33 -22.77 5.15
C CYS B 127 -24.23 -22.18 4.07
N PRO B 128 -24.91 -21.08 4.30
CA PRO B 128 -25.80 -20.50 3.30
C PRO B 128 -25.12 -20.36 1.95
N GLY B 129 -25.81 -20.69 0.87
CA GLY B 129 -25.21 -20.58 -0.46
C GLY B 129 -24.65 -21.91 -0.99
N ALA B 130 -24.45 -22.90 -0.11
CA ALA B 130 -23.78 -24.13 -0.55
C ALA B 130 -24.62 -24.85 -1.58
N PRO B 131 -23.97 -25.72 -2.36
CA PRO B 131 -24.72 -26.57 -3.28
C PRO B 131 -25.44 -27.65 -2.49
N GLN B 132 -26.34 -28.38 -3.12
CA GLN B 132 -27.04 -29.53 -2.53
C GLN B 132 -26.00 -30.66 -2.56
N MET B 133 -25.46 -31.02 -1.41
CA MET B 133 -24.29 -31.90 -1.46
C MET B 133 -24.61 -33.40 -1.55
N ASN B 134 -23.71 -34.14 -2.23
CA ASN B 134 -23.98 -35.56 -2.38
C ASN B 134 -23.29 -36.33 -1.26
N PHE B 135 -23.72 -37.60 -1.07
CA PHE B 135 -23.07 -38.44 -0.08
C PHE B 135 -23.26 -39.91 -0.52
N PHE B 136 -22.17 -40.59 -0.81
CA PHE B 136 -22.21 -41.96 -1.20
C PHE B 136 -21.51 -42.74 -0.09
N THR B 137 -21.89 -43.98 0.13
CA THR B 137 -21.29 -44.80 1.15
C THR B 137 -20.56 -45.99 0.51
N GLY B 138 -19.68 -46.57 1.30
CA GLY B 138 -19.01 -47.82 0.84
C GLY B 138 -17.50 -47.77 0.93
N ARG B 139 -16.85 -46.92 1.72
CA ARG B 139 -15.38 -46.88 1.75
C ARG B 139 -14.88 -47.80 2.88
N ALA B 140 -14.20 -48.86 2.47
CA ALA B 140 -13.66 -49.78 3.49
C ALA B 140 -12.58 -49.07 4.26
N PRO B 141 -12.29 -49.49 5.48
CA PRO B 141 -11.30 -48.87 6.33
C PRO B 141 -9.93 -49.01 5.69
N ALA B 142 -9.13 -47.96 5.73
CA ALA B 142 -7.75 -48.02 5.25
C ALA B 142 -6.93 -49.12 5.93
N THR B 143 -5.97 -49.68 5.20
CA THR B 143 -5.05 -50.65 5.79
C THR B 143 -3.69 -50.07 6.12
N GLN B 144 -3.30 -48.95 5.52
CA GLN B 144 -2.00 -48.35 5.80
C GLN B 144 -2.19 -46.80 5.76
N PRO B 145 -1.43 -46.08 6.54
CA PRO B 145 -1.45 -44.63 6.43
C PRO B 145 -0.98 -44.19 5.05
N ALA B 146 -1.39 -42.99 4.64
CA ALA B 146 -0.85 -42.52 3.35
C ALA B 146 0.61 -42.09 3.58
N PRO B 147 1.41 -42.18 2.54
CA PRO B 147 2.74 -41.60 2.55
C PRO B 147 2.63 -40.06 2.59
N ASP B 148 3.68 -39.40 3.04
CA ASP B 148 3.75 -37.95 3.03
C ASP B 148 4.12 -37.47 1.63
N GLY B 149 4.04 -36.15 1.36
CA GLY B 149 4.38 -35.65 0.03
C GLY B 149 3.18 -35.58 -0.89
N LEU B 150 2.00 -35.92 -0.41
CA LEU B 150 0.83 -36.00 -1.29
C LEU B 150 -0.21 -34.89 -1.11
N VAL B 151 -0.16 -34.14 -0.03
CA VAL B 151 -1.12 -33.02 0.16
C VAL B 151 -0.41 -31.73 -0.15
N PRO B 152 -0.92 -30.90 -1.06
CA PRO B 152 -0.24 -29.67 -1.44
C PRO B 152 0.01 -28.70 -0.31
N GLU B 153 1.05 -27.91 -0.42
CA GLU B 153 1.38 -26.89 0.59
C GLU B 153 1.16 -25.52 -0.05
N PRO B 154 0.98 -24.51 0.77
CA PRO B 154 0.76 -23.12 0.31
C PRO B 154 1.98 -22.54 -0.36
N PHE B 155 3.19 -23.12 -0.07
CA PHE B 155 4.38 -22.64 -0.77
C PHE B 155 4.78 -23.46 -1.98
N HIS B 156 4.05 -24.50 -2.38
CA HIS B 156 4.35 -25.26 -3.59
C HIS B 156 4.12 -24.39 -4.83
N THR B 157 4.80 -24.70 -5.92
CA THR B 157 4.61 -23.95 -7.16
C THR B 157 3.26 -24.31 -7.78
N VAL B 158 2.73 -23.49 -8.67
CA VAL B 158 1.48 -23.84 -9.39
C VAL B 158 1.70 -25.10 -10.22
N ASP B 159 2.89 -25.23 -10.85
CA ASP B 159 3.19 -26.42 -11.64
C ASP B 159 3.14 -27.69 -10.82
N GLN B 160 3.71 -27.67 -9.62
CA GLN B 160 3.72 -28.84 -8.74
C GLN B 160 2.32 -29.24 -8.32
N ILE B 161 1.50 -28.24 -8.00
CA ILE B 161 0.12 -28.51 -7.51
C ILE B 161 -0.70 -29.09 -8.65
N ILE B 162 -0.55 -28.53 -9.86
CA ILE B 162 -1.26 -29.07 -11.03
C ILE B 162 -0.86 -30.49 -11.26
N ASN B 163 0.45 -30.82 -11.23
CA ASN B 163 0.89 -32.19 -11.41
C ASN B 163 0.38 -33.13 -10.32
N ARG B 164 0.37 -32.69 -9.05
CA ARG B 164 -0.13 -33.52 -7.96
C ARG B 164 -1.63 -33.85 -8.13
N VAL B 165 -2.48 -32.90 -8.49
CA VAL B 165 -3.92 -33.25 -8.59
C VAL B 165 -4.21 -34.09 -9.83
N ASN B 166 -3.39 -33.95 -10.88
CA ASN B 166 -3.50 -34.78 -12.08
C ASN B 166 -3.12 -36.23 -11.74
N ASP B 167 -2.04 -36.41 -10.98
CA ASP B 167 -1.67 -37.78 -10.56
C ASP B 167 -2.75 -38.39 -9.69
N ALA B 168 -3.21 -37.63 -8.66
CA ALA B 168 -4.19 -38.21 -7.74
C ALA B 168 -5.48 -38.65 -8.40
N GLY B 169 -6.05 -37.81 -9.27
CA GLY B 169 -7.40 -38.09 -9.77
C GLY B 169 -7.61 -37.75 -11.23
N GLU B 170 -6.54 -37.48 -11.95
CA GLU B 170 -6.68 -37.03 -13.35
C GLU B 170 -7.45 -35.69 -13.40
N PHE B 171 -7.30 -34.87 -12.36
CA PHE B 171 -7.94 -33.56 -12.38
C PHE B 171 -7.07 -32.60 -13.20
N ASP B 172 -7.66 -31.76 -14.00
CA ASP B 172 -6.87 -30.80 -14.76
C ASP B 172 -6.80 -29.49 -14.01
N GLU B 173 -6.22 -28.49 -14.65
CA GLU B 173 -5.98 -27.19 -13.98
C GLU B 173 -7.25 -26.43 -13.74
N LEU B 174 -8.30 -26.68 -14.55
CA LEU B 174 -9.54 -25.97 -14.32
C LEU B 174 -10.21 -26.56 -13.05
N GLU B 175 -10.17 -27.87 -12.94
CA GLU B 175 -10.75 -28.54 -11.77
C GLU B 175 -10.05 -28.16 -10.50
N LEU B 176 -8.75 -27.85 -10.53
CA LEU B 176 -8.02 -27.34 -9.39
C LEU B 176 -8.65 -26.02 -8.93
N VAL B 177 -9.03 -25.14 -9.88
CA VAL B 177 -9.76 -23.94 -9.47
C VAL B 177 -11.12 -24.31 -8.88
N PHE B 178 -11.85 -25.30 -9.43
CA PHE B 178 -13.18 -25.58 -8.84
C PHE B 178 -13.05 -26.00 -7.40
N MET B 179 -12.04 -26.85 -7.08
CA MET B 179 -11.99 -27.35 -5.70
C MET B 179 -11.51 -26.28 -4.72
N LEU B 180 -10.77 -25.26 -5.16
CA LEU B 180 -10.38 -24.21 -4.24
C LEU B 180 -11.52 -23.28 -3.83
N SER B 181 -12.74 -23.45 -4.39
CA SER B 181 -13.90 -22.70 -3.91
C SER B 181 -14.13 -22.98 -2.43
N ALA B 182 -13.67 -24.10 -1.87
CA ALA B 182 -13.83 -24.37 -0.45
C ALA B 182 -13.18 -23.33 0.44
N HIS B 183 -12.19 -22.56 -0.08
CA HIS B 183 -11.56 -21.53 0.76
C HIS B 183 -12.54 -20.38 0.98
N SER B 184 -13.73 -20.43 0.39
CA SER B 184 -14.77 -19.45 0.70
C SER B 184 -15.38 -19.72 2.05
N VAL B 185 -15.25 -20.83 2.76
CA VAL B 185 -15.85 -21.05 4.10
C VAL B 185 -14.72 -21.64 4.93
N ALA B 186 -13.75 -20.77 5.25
CA ALA B 186 -12.51 -21.31 5.83
C ALA B 186 -11.64 -20.26 6.48
N ALA B 187 -10.86 -20.74 7.46
CA ALA B 187 -9.93 -19.84 8.16
C ALA B 187 -8.62 -20.56 8.44
N VAL B 188 -7.60 -19.75 8.78
CA VAL B 188 -6.23 -20.26 8.90
C VAL B 188 -5.77 -20.16 10.36
N ASN B 189 -5.46 -21.34 10.89
CA ASN B 189 -5.09 -21.37 12.29
C ASN B 189 -3.60 -21.50 12.52
N ASP B 190 -2.87 -22.11 11.59
CA ASP B 190 -1.47 -22.46 11.91
C ASP B 190 -0.42 -21.79 11.04
N VAL B 191 -0.74 -20.92 10.14
CA VAL B 191 0.25 -20.31 9.24
C VAL B 191 0.95 -19.15 9.94
N ASP B 192 0.15 -18.31 10.58
CA ASP B 192 0.68 -17.18 11.35
C ASP B 192 0.70 -17.69 12.80
N PRO B 193 1.90 -17.88 13.36
CA PRO B 193 2.05 -18.40 14.70
C PRO B 193 1.52 -17.51 15.80
N THR B 194 1.21 -16.25 15.53
CA THR B 194 0.70 -15.34 16.55
C THR B 194 -0.80 -15.15 16.57
N VAL B 195 -1.57 -15.64 15.61
CA VAL B 195 -3.02 -15.45 15.65
C VAL B 195 -3.71 -16.59 14.89
N GLN B 196 -4.69 -17.21 15.52
CA GLN B 196 -5.44 -18.29 14.89
C GLN B 196 -6.79 -17.79 14.39
N GLY B 197 -7.30 -18.40 13.34
CA GLY B 197 -8.65 -18.14 12.85
C GLY B 197 -8.72 -17.01 11.84
N LEU B 198 -7.72 -16.72 11.05
CA LEU B 198 -7.89 -15.61 10.10
C LEU B 198 -8.57 -16.17 8.84
N PRO B 199 -9.72 -15.64 8.42
CA PRO B 199 -10.38 -16.15 7.26
C PRO B 199 -9.71 -15.84 5.93
N PHE B 200 -10.00 -16.68 4.93
CA PHE B 200 -9.52 -16.47 3.57
C PHE B 200 -10.42 -15.46 2.84
N ASP B 201 -11.68 -15.28 3.28
CA ASP B 201 -12.47 -14.25 2.62
C ASP B 201 -13.31 -13.51 3.67
N SER B 202 -13.97 -12.43 3.27
CA SER B 202 -14.69 -11.65 4.27
C SER B 202 -16.02 -12.27 4.67
N THR B 203 -16.44 -13.41 4.14
CA THR B 203 -17.67 -14.10 4.48
C THR B 203 -17.40 -15.54 4.80
N PRO B 204 -16.65 -15.93 5.80
CA PRO B 204 -16.30 -17.33 6.05
C PRO B 204 -17.46 -18.19 6.48
N GLY B 205 -18.64 -17.57 6.75
CA GLY B 205 -19.81 -18.45 7.04
C GLY B 205 -20.75 -18.52 5.85
N ILE B 206 -20.35 -18.01 4.66
CA ILE B 206 -21.19 -18.00 3.48
C ILE B 206 -20.50 -18.62 2.27
N PHE B 207 -21.07 -19.61 1.65
CA PHE B 207 -20.43 -20.21 0.48
C PHE B 207 -20.77 -19.31 -0.72
N ASP B 208 -19.82 -18.48 -1.10
CA ASP B 208 -20.00 -17.48 -2.14
C ASP B 208 -18.68 -17.23 -2.88
N SER B 209 -18.68 -16.23 -3.78
CA SER B 209 -17.48 -16.00 -4.58
C SER B 209 -16.61 -14.89 -4.04
N GLN B 210 -16.81 -14.48 -2.77
CA GLN B 210 -15.94 -13.42 -2.22
C GLN B 210 -14.49 -13.89 -2.16
N PHE B 211 -14.14 -15.17 -2.01
CA PHE B 211 -12.76 -15.63 -2.07
C PHE B 211 -12.11 -15.32 -3.43
N PHE B 212 -12.89 -15.49 -4.52
CA PHE B 212 -12.34 -15.22 -5.86
C PHE B 212 -12.25 -13.70 -6.11
N VAL B 213 -13.15 -12.92 -5.53
CA VAL B 213 -13.02 -11.44 -5.69
C VAL B 213 -11.80 -10.94 -4.90
N GLU B 214 -11.75 -11.34 -3.63
CA GLU B 214 -10.78 -10.74 -2.69
C GLU B 214 -9.37 -11.21 -2.89
N THR B 215 -9.15 -12.39 -3.45
CA THR B 215 -7.79 -12.83 -3.76
C THR B 215 -7.26 -12.04 -4.98
N GLN B 216 -8.10 -11.43 -5.80
CA GLN B 216 -7.73 -10.69 -7.00
C GLN B 216 -7.35 -9.26 -6.64
N LEU B 217 -7.65 -8.82 -5.41
CA LEU B 217 -7.27 -7.45 -5.01
C LEU B 217 -5.78 -7.34 -4.74
N ARG B 218 -5.25 -6.12 -4.88
CA ARG B 218 -3.80 -5.96 -4.60
C ARG B 218 -3.59 -6.23 -3.10
N GLY B 219 -2.54 -6.95 -2.76
CA GLY B 219 -2.26 -7.17 -1.34
C GLY B 219 -1.60 -5.90 -0.76
N THR B 220 -2.00 -5.48 0.40
CA THR B 220 -1.46 -4.25 1.03
C THR B 220 -0.77 -4.46 2.36
N ALA B 221 -1.05 -5.50 3.13
CA ALA B 221 -0.33 -5.75 4.37
C ALA B 221 -0.53 -7.18 4.88
N PHE B 222 0.27 -7.61 5.85
CA PHE B 222 0.06 -8.87 6.54
C PHE B 222 -0.93 -8.59 7.67
N PRO B 223 -1.94 -9.43 7.91
CA PRO B 223 -2.92 -9.23 8.95
C PRO B 223 -2.37 -9.40 10.36
N GLY B 224 -1.30 -10.17 10.52
CA GLY B 224 -0.66 -10.39 11.82
C GLY B 224 0.86 -10.21 11.66
N SER B 225 1.64 -11.27 11.78
CA SER B 225 3.09 -11.15 11.57
C SER B 225 3.46 -11.37 10.11
N GLY B 226 4.66 -10.95 9.72
CA GLY B 226 5.09 -11.15 8.34
C GLY B 226 6.17 -12.21 8.30
N GLY B 227 6.58 -12.62 7.09
CA GLY B 227 7.63 -13.62 6.93
C GLY B 227 7.20 -15.04 7.22
N ASN B 228 5.90 -15.34 7.17
CA ASN B 228 5.48 -16.72 7.44
C ASN B 228 5.54 -17.47 6.12
N GLN B 229 6.19 -18.63 6.12
CA GLN B 229 6.33 -19.38 4.88
C GLN B 229 4.94 -19.69 4.28
N GLY B 230 4.71 -19.33 3.05
CA GLY B 230 3.44 -19.71 2.40
C GLY B 230 2.43 -18.56 2.45
N GLU B 231 2.78 -17.48 3.13
CA GLU B 231 1.85 -16.35 3.27
C GLU B 231 2.32 -15.18 2.47
N VAL B 232 1.41 -14.42 1.87
CA VAL B 232 1.71 -13.20 1.11
C VAL B 232 0.80 -12.10 1.71
N GLU B 233 0.97 -10.85 1.26
CA GLU B 233 0.13 -9.80 1.82
C GLU B 233 -1.34 -10.00 1.39
N SER B 234 -2.24 -9.53 2.22
CA SER B 234 -3.67 -9.63 1.92
C SER B 234 -4.21 -8.23 1.72
N PRO B 235 -5.45 -8.06 1.28
CA PRO B 235 -5.96 -6.75 0.97
C PRO B 235 -6.81 -6.10 2.03
N LEU B 236 -7.13 -6.80 3.09
CA LEU B 236 -8.01 -6.36 4.15
C LEU B 236 -7.46 -6.78 5.51
N PRO B 237 -7.70 -5.95 6.52
CA PRO B 237 -7.25 -6.25 7.86
C PRO B 237 -8.05 -7.48 8.31
N GLY B 238 -7.33 -8.39 8.97
CA GLY B 238 -7.96 -9.59 9.48
C GLY B 238 -8.05 -10.73 8.43
N GLU B 239 -7.85 -10.46 7.16
CA GLU B 239 -7.95 -11.56 6.16
C GLU B 239 -6.55 -12.08 5.86
N ILE B 240 -6.39 -13.39 5.64
CA ILE B 240 -5.06 -13.89 5.29
C ILE B 240 -5.11 -14.28 3.83
N ARG B 241 -3.95 -14.29 3.19
CA ARG B 241 -3.84 -14.78 1.81
C ARG B 241 -2.59 -15.68 1.71
N ILE B 242 -2.75 -16.86 1.15
CA ILE B 242 -1.62 -17.77 0.97
C ILE B 242 -1.07 -17.68 -0.45
N GLN B 243 0.22 -18.02 -0.60
CA GLN B 243 0.93 -17.83 -1.88
C GLN B 243 0.34 -18.67 -3.01
N SER B 244 -0.15 -19.86 -2.71
CA SER B 244 -0.68 -20.70 -3.78
C SER B 244 -1.95 -20.08 -4.37
N ASP B 245 -2.85 -19.62 -3.53
CA ASP B 245 -4.10 -19.02 -4.02
C ASP B 245 -3.73 -17.77 -4.83
N HIS B 246 -2.85 -16.96 -4.25
CA HIS B 246 -2.41 -15.71 -4.89
C HIS B 246 -1.87 -16.01 -6.29
N THR B 247 -1.04 -17.05 -6.40
CA THR B 247 -0.42 -17.33 -7.69
C THR B 247 -1.32 -18.02 -8.69
N ILE B 248 -2.27 -18.87 -8.27
CA ILE B 248 -3.21 -19.49 -9.18
C ILE B 248 -4.18 -18.45 -9.69
N ALA B 249 -4.54 -17.42 -8.93
CA ALA B 249 -5.45 -16.39 -9.45
C ALA B 249 -4.78 -15.50 -10.51
N ARG B 250 -3.46 -15.55 -10.58
CA ARG B 250 -2.75 -14.67 -11.54
C ARG B 250 -2.06 -15.46 -12.63
N ASP B 251 -1.95 -16.78 -12.54
CA ASP B 251 -1.28 -17.58 -13.55
C ASP B 251 -2.07 -17.58 -14.84
N SER B 252 -1.44 -17.46 -16.04
CA SER B 252 -2.20 -17.39 -17.27
C SER B 252 -2.99 -18.65 -17.57
N ARG B 253 -2.65 -19.81 -17.03
CA ARG B 253 -3.40 -21.02 -17.26
C ARG B 253 -4.75 -21.08 -16.53
N THR B 254 -4.84 -20.44 -15.37
CA THR B 254 -5.99 -20.55 -14.49
C THR B 254 -6.68 -19.23 -14.15
N ALA B 255 -6.11 -18.11 -14.55
CA ALA B 255 -6.71 -16.82 -14.16
C ALA B 255 -8.10 -16.60 -14.68
N CYS B 256 -8.41 -16.96 -15.94
CA CYS B 256 -9.78 -16.65 -16.40
C CYS B 256 -10.77 -17.58 -15.74
N GLU B 257 -10.37 -18.81 -15.42
CA GLU B 257 -11.28 -19.70 -14.68
C GLU B 257 -11.54 -19.16 -13.28
N TRP B 258 -10.46 -18.68 -12.66
CA TRP B 258 -10.65 -18.09 -11.30
C TRP B 258 -11.65 -16.94 -11.31
N GLN B 259 -11.51 -16.03 -12.28
CA GLN B 259 -12.41 -14.90 -12.43
C GLN B 259 -13.81 -15.30 -12.86
N SER B 260 -14.01 -16.42 -13.53
CA SER B 260 -15.35 -16.85 -14.00
C SER B 260 -16.32 -17.00 -12.85
N PHE B 261 -15.86 -17.23 -11.60
CA PHE B 261 -16.83 -17.44 -10.51
C PHE B 261 -17.37 -16.12 -9.95
N VAL B 262 -16.66 -15.01 -10.24
CA VAL B 262 -17.12 -13.72 -9.66
C VAL B 262 -18.50 -13.39 -10.23
N ASN B 263 -19.43 -13.08 -9.37
CA ASN B 263 -20.82 -12.77 -9.72
C ASN B 263 -21.48 -13.86 -10.54
N ASN B 264 -21.12 -15.13 -10.29
CA ASN B 264 -21.72 -16.22 -11.06
C ASN B 264 -22.00 -17.40 -10.13
N GLN B 265 -23.06 -17.24 -9.35
CA GLN B 265 -23.41 -18.21 -8.33
C GLN B 265 -23.72 -19.57 -8.93
N SER B 266 -24.44 -19.66 -10.07
CA SER B 266 -24.77 -21.00 -10.55
C SER B 266 -23.53 -21.77 -10.94
N LYS B 267 -22.55 -21.13 -11.57
CA LYS B 267 -21.33 -21.85 -11.95
C LYS B 267 -20.54 -22.27 -10.69
N LEU B 268 -20.45 -21.40 -9.69
CA LEU B 268 -19.76 -21.77 -8.43
C LEU B 268 -20.39 -22.99 -7.81
N VAL B 269 -21.72 -23.00 -7.65
CA VAL B 269 -22.43 -24.08 -7.00
C VAL B 269 -22.35 -25.39 -7.81
N ASP B 270 -22.60 -25.33 -9.10
CA ASP B 270 -22.54 -26.52 -9.95
C ASP B 270 -21.13 -27.11 -10.01
N ASP B 271 -20.09 -26.28 -10.19
CA ASP B 271 -18.73 -26.78 -10.28
C ASP B 271 -18.22 -27.34 -8.93
N PHE B 272 -18.58 -26.68 -7.81
CA PHE B 272 -18.11 -27.28 -6.54
C PHE B 272 -18.89 -28.54 -6.15
N GLN B 273 -20.19 -28.62 -6.44
CA GLN B 273 -20.92 -29.86 -6.16
C GLN B 273 -20.24 -31.04 -6.88
N PHE B 274 -19.93 -30.82 -8.17
CA PHE B 274 -19.27 -31.86 -8.97
C PHE B 274 -17.93 -32.27 -8.39
N ILE B 275 -17.04 -31.30 -8.15
CA ILE B 275 -15.66 -31.66 -7.71
C ILE B 275 -15.61 -32.20 -6.30
N PHE B 276 -16.52 -31.80 -5.42
CA PHE B 276 -16.52 -32.37 -4.07
C PHE B 276 -16.87 -33.83 -4.16
N LEU B 277 -17.90 -34.18 -4.92
CA LEU B 277 -18.24 -35.61 -5.07
C LEU B 277 -17.07 -36.40 -5.62
N ALA B 278 -16.37 -35.86 -6.64
CA ALA B 278 -15.22 -36.61 -7.18
C ALA B 278 -14.11 -36.82 -6.15
N LEU B 279 -13.84 -35.81 -5.32
CA LEU B 279 -12.82 -35.98 -4.28
C LEU B 279 -13.21 -37.09 -3.30
N THR B 280 -14.49 -37.14 -2.95
CA THR B 280 -14.91 -38.16 -1.98
C THR B 280 -14.88 -39.57 -2.55
N GLN B 281 -14.76 -39.75 -3.87
CA GLN B 281 -14.74 -41.07 -4.47
C GLN B 281 -13.32 -41.51 -4.85
N LEU B 282 -12.30 -40.75 -4.48
CA LEU B 282 -10.93 -41.14 -4.86
C LEU B 282 -10.53 -42.42 -4.14
N GLY B 283 -10.03 -43.34 -4.98
CA GLY B 283 -9.60 -44.64 -4.39
C GLY B 283 -10.75 -45.63 -4.43
N GLN B 284 -11.92 -45.19 -4.90
CA GLN B 284 -13.09 -46.04 -4.86
C GLN B 284 -13.62 -46.34 -6.27
N ASP B 285 -14.48 -47.32 -6.35
CA ASP B 285 -15.19 -47.65 -7.58
C ASP B 285 -16.60 -47.10 -7.37
N PRO B 286 -16.98 -46.06 -8.08
CA PRO B 286 -18.26 -45.41 -7.97
C PRO B 286 -19.44 -46.32 -8.21
N ASN B 287 -19.26 -47.32 -9.07
CA ASN B 287 -20.31 -48.29 -9.35
C ASN B 287 -20.60 -49.19 -8.17
N ALA B 288 -19.69 -49.36 -7.22
CA ALA B 288 -19.90 -50.20 -6.08
C ALA B 288 -20.35 -49.41 -4.86
N MET B 289 -20.57 -48.10 -5.01
CA MET B 289 -20.98 -47.34 -3.80
C MET B 289 -22.48 -47.14 -3.76
N THR B 290 -23.05 -46.78 -2.61
CA THR B 290 -24.51 -46.58 -2.54
C THR B 290 -24.80 -45.10 -2.42
N ASP B 291 -25.76 -44.61 -3.18
CA ASP B 291 -26.08 -43.18 -3.09
C ASP B 291 -27.05 -42.88 -1.94
N CYS B 292 -26.54 -42.17 -0.94
CA CYS B 292 -27.36 -41.76 0.21
C CYS B 292 -27.45 -40.25 0.25
N SER B 293 -27.50 -39.62 -0.97
CA SER B 293 -27.52 -38.16 -0.98
C SER B 293 -28.75 -37.55 -0.38
N ASP B 294 -29.86 -38.30 -0.36
CA ASP B 294 -31.11 -37.76 0.19
C ASP B 294 -31.07 -37.61 1.70
N VAL B 295 -30.07 -38.14 2.40
CA VAL B 295 -29.96 -37.86 3.84
C VAL B 295 -29.43 -36.46 4.12
N ILE B 296 -28.69 -35.85 3.17
CA ILE B 296 -28.09 -34.54 3.46
C ILE B 296 -29.16 -33.46 3.47
N PRO B 297 -29.14 -32.57 4.44
CA PRO B 297 -30.13 -31.51 4.52
C PRO B 297 -30.12 -30.60 3.32
N GLN B 298 -31.29 -29.98 3.09
CA GLN B 298 -31.38 -29.01 1.99
C GLN B 298 -30.55 -27.78 2.33
N SER B 299 -29.73 -27.29 1.39
CA SER B 299 -28.89 -26.14 1.61
C SER B 299 -29.76 -24.88 1.67
N LYS B 300 -29.34 -23.90 2.41
CA LYS B 300 -30.08 -22.63 2.58
C LYS B 300 -29.61 -21.53 1.67
N PRO B 301 -30.50 -20.65 1.21
CA PRO B 301 -30.12 -19.52 0.40
C PRO B 301 -29.33 -18.51 1.23
N ILE B 302 -28.61 -17.63 0.55
CA ILE B 302 -27.91 -16.55 1.24
C ILE B 302 -29.02 -15.57 1.62
N PRO B 303 -29.02 -15.15 2.88
CA PRO B 303 -30.08 -14.26 3.36
C PRO B 303 -29.79 -12.82 2.99
N GLY B 304 -30.84 -11.99 3.07
CA GLY B 304 -30.52 -10.57 2.81
C GLY B 304 -30.76 -10.19 1.35
N ASN B 305 -30.46 -8.95 1.01
CA ASN B 305 -30.76 -8.47 -0.32
C ASN B 305 -29.52 -7.79 -0.89
N LEU B 306 -28.32 -8.17 -0.48
CA LEU B 306 -27.11 -7.62 -1.10
C LEU B 306 -26.82 -8.37 -2.39
N PRO B 307 -26.05 -7.83 -3.31
CA PRO B 307 -25.67 -8.50 -4.54
C PRO B 307 -24.87 -9.77 -4.18
N PHE B 308 -24.85 -10.74 -5.10
CA PHE B 308 -24.15 -11.99 -4.72
C PHE B 308 -22.67 -11.76 -4.55
N SER B 309 -22.03 -10.94 -5.42
CA SER B 309 -20.63 -10.61 -5.31
C SER B 309 -20.54 -9.08 -5.20
N PHE B 310 -19.58 -8.63 -4.43
CA PHE B 310 -19.37 -7.21 -4.20
C PHE B 310 -17.94 -6.90 -3.83
N PHE B 311 -17.52 -5.64 -3.83
CA PHE B 311 -16.21 -5.28 -3.29
C PHE B 311 -16.44 -4.94 -1.82
N PRO B 312 -15.57 -5.40 -0.92
CA PRO B 312 -15.68 -5.01 0.48
C PRO B 312 -15.58 -3.47 0.56
N ALA B 313 -16.01 -2.90 1.67
CA ALA B 313 -15.90 -1.44 1.82
C ALA B 313 -14.46 -1.00 1.69
N GLY B 314 -14.26 0.17 1.04
CA GLY B 314 -12.89 0.65 0.91
C GLY B 314 -12.24 0.19 -0.38
N LYS B 315 -12.86 -0.70 -1.17
CA LYS B 315 -12.22 -1.21 -2.37
C LYS B 315 -13.02 -0.96 -3.63
N THR B 316 -12.32 -0.73 -4.74
CA THR B 316 -13.05 -0.49 -6.02
C THR B 316 -12.31 -1.28 -7.09
N ILE B 317 -12.74 -1.14 -8.33
CA ILE B 317 -12.13 -1.80 -9.48
C ILE B 317 -10.67 -1.39 -9.65
N LYS B 318 -10.21 -0.25 -9.14
CA LYS B 318 -8.81 0.13 -9.25
C LYS B 318 -7.92 -0.69 -8.34
N ASP B 319 -8.47 -1.39 -7.33
CA ASP B 319 -7.67 -2.23 -6.44
C ASP B 319 -7.52 -3.65 -6.99
N VAL B 320 -8.14 -3.92 -8.12
CA VAL B 320 -8.07 -5.26 -8.70
C VAL B 320 -6.84 -5.44 -9.57
N GLU B 321 -6.11 -6.56 -9.46
CA GLU B 321 -5.01 -6.86 -10.37
C GLU B 321 -5.63 -7.77 -11.42
N GLN B 322 -6.02 -7.17 -12.54
CA GLN B 322 -6.64 -7.95 -13.62
C GLN B 322 -5.65 -8.97 -14.18
N ALA B 323 -5.97 -10.26 -14.22
CA ALA B 323 -5.04 -11.23 -14.77
C ALA B 323 -5.65 -12.01 -15.91
N CYS B 324 -6.95 -11.91 -16.13
CA CYS B 324 -7.59 -12.63 -17.21
C CYS B 324 -7.61 -11.75 -18.46
N ALA B 325 -6.92 -12.21 -19.50
CA ALA B 325 -6.85 -11.39 -20.71
C ALA B 325 -8.04 -11.51 -21.63
N GLU B 326 -9.01 -12.43 -21.44
CA GLU B 326 -10.10 -12.40 -22.42
C GLU B 326 -11.38 -11.76 -21.93
N THR B 327 -11.52 -11.49 -20.63
CA THR B 327 -12.78 -10.93 -20.11
C THR B 327 -12.39 -10.00 -18.97
N PRO B 328 -12.84 -8.76 -19.00
CA PRO B 328 -12.47 -7.81 -17.95
C PRO B 328 -13.17 -8.21 -16.67
N PHE B 329 -12.57 -7.85 -15.55
CA PHE B 329 -13.21 -8.17 -14.24
C PHE B 329 -14.53 -7.43 -14.15
N PRO B 330 -15.62 -8.05 -13.71
CA PRO B 330 -16.89 -7.38 -13.61
C PRO B 330 -16.87 -6.17 -12.69
N THR B 331 -17.69 -5.17 -13.06
CA THR B 331 -17.83 -3.95 -12.25
C THR B 331 -18.80 -4.30 -11.13
N LEU B 332 -18.33 -4.40 -9.91
CA LEU B 332 -19.24 -4.79 -8.82
C LEU B 332 -19.61 -3.51 -8.05
N THR B 333 -20.56 -3.58 -7.14
CA THR B 333 -20.79 -2.44 -6.26
C THR B 333 -19.87 -2.58 -5.04
N THR B 334 -19.59 -1.46 -4.40
CA THR B 334 -18.76 -1.42 -3.20
C THR B 334 -19.66 -1.21 -1.98
N LEU B 335 -19.46 -1.96 -0.93
CA LEU B 335 -20.28 -1.74 0.31
C LEU B 335 -19.90 -0.38 0.87
N PRO B 336 -20.84 0.28 1.57
CA PRO B 336 -20.64 1.66 2.00
C PRO B 336 -19.76 1.75 3.22
N GLY B 337 -19.10 2.88 3.37
CA GLY B 337 -18.33 3.13 4.56
C GLY B 337 -16.85 2.89 4.52
N PRO B 338 -16.22 3.03 5.67
CA PRO B 338 -14.79 2.81 5.80
C PRO B 338 -14.47 1.32 5.69
N GLU B 339 -13.24 1.04 5.34
CA GLU B 339 -12.72 -0.32 5.30
C GLU B 339 -12.87 -0.89 6.71
N THR B 340 -13.29 -2.13 6.80
CA THR B 340 -13.45 -2.74 8.13
C THR B 340 -12.69 -4.07 8.20
N SER B 341 -12.36 -4.47 9.42
CA SER B 341 -11.61 -5.71 9.61
C SER B 341 -12.50 -6.95 9.55
N VAL B 342 -11.99 -8.02 9.01
CA VAL B 342 -12.69 -9.29 8.95
C VAL B 342 -12.51 -9.91 10.34
N GLN B 343 -13.57 -10.36 10.96
CA GLN B 343 -13.49 -10.93 12.31
C GLN B 343 -12.89 -12.34 12.30
N ARG B 344 -12.11 -12.61 13.34
CA ARG B 344 -11.47 -13.93 13.36
C ARG B 344 -12.42 -14.99 13.87
N ILE B 345 -12.15 -16.23 13.50
CA ILE B 345 -13.01 -17.37 13.88
C ILE B 345 -12.13 -18.20 14.84
N PRO B 346 -12.31 -18.06 16.13
CA PRO B 346 -11.44 -18.82 17.06
C PRO B 346 -11.78 -20.30 16.93
N PRO B 347 -10.78 -21.16 16.90
CA PRO B 347 -11.03 -22.60 16.79
C PRO B 347 -11.09 -23.25 18.16
N PRO B 348 -11.50 -24.50 18.23
CA PRO B 348 -11.44 -25.24 19.49
C PRO B 348 -9.97 -25.46 19.84
N PRO B 349 -9.72 -25.75 21.12
CA PRO B 349 -8.37 -26.05 21.61
C PRO B 349 -7.64 -27.11 20.80
N GLY B 350 -6.34 -26.94 20.63
CA GLY B 350 -5.48 -27.91 19.96
C GLY B 350 -5.38 -27.74 18.45
N ALA B 351 -6.04 -26.75 17.87
CA ALA B 351 -6.01 -26.55 16.41
C ALA B 351 -4.72 -25.92 15.91
CA CA C . 9.17 15.22 -10.74
CA CA D . 16.62 34.81 5.67
CHA HEM E . 19.34 27.44 -4.52
CHB HEM E . 18.04 29.42 -8.78
CHC HEM E . 13.36 29.12 -7.54
CHD HEM E . 14.65 27.03 -3.34
C1A HEM E . 19.36 27.95 -5.82
C2A HEM E . 20.54 28.06 -6.65
C3A HEM E . 20.18 28.60 -7.81
C4A HEM E . 18.77 28.85 -7.75
CMA HEM E . 21.08 28.91 -9.06
CAA HEM E . 21.97 27.54 -6.24
CBA HEM E . 22.06 26.06 -6.75
CGA HEM E . 23.41 25.40 -6.61
O1A HEM E . 24.40 26.15 -6.42
O2A HEM E . 23.54 24.15 -6.70
C1B HEM E . 16.65 29.47 -8.81
C2B HEM E . 15.88 29.93 -9.92
C3B HEM E . 14.58 29.91 -9.56
C4B HEM E . 14.54 29.32 -8.24
CMB HEM E . 16.51 30.43 -11.24
CAB HEM E . 13.40 30.31 -10.42
CBB HEM E . 12.10 30.30 -10.25
C1C HEM E . 13.32 28.47 -6.30
C2C HEM E . 12.12 28.07 -5.64
C3C HEM E . 12.44 27.46 -4.50
C4C HEM E . 13.89 27.45 -4.43
CMC HEM E . 10.71 28.31 -6.27
CAC HEM E . 11.51 26.82 -3.45
CBC HEM E . 11.76 25.79 -2.72
CBC HEM E . 10.19 26.79 -3.51
C1D HEM E . 16.04 27.03 -3.27
C2D HEM E . 16.79 26.72 -2.10
C3D HEM E . 18.09 26.86 -2.41
C4D HEM E . 18.17 27.28 -3.78
CMD HEM E . 16.17 26.38 -0.71
CAD HEM E . 19.29 26.61 -1.50
CBD HEM E . 19.96 25.22 -1.73
CGD HEM E . 21.00 24.93 -0.67
O1D HEM E . 21.67 23.88 -0.84
O2D HEM E . 21.21 25.70 0.28
NA HEM E . 18.29 28.46 -6.50
NB HEM E . 15.83 29.12 -7.76
NC HEM E . 14.40 28.09 -5.53
ND HEM E . 16.88 27.40 -4.29
FE HEM E . 16.35 28.30 -5.99
CA CA F . -6.74 -41.22 3.00
CA CA G . -17.28 -16.84 1.67
CHA HEM H . -7.39 -24.32 5.10
CHB HEM H . -3.90 -24.64 1.70
CHC HEM H . -7.02 -26.96 -1.23
CHD HEM H . -10.42 -26.76 2.24
C1A HEM H . -6.19 -24.26 4.42
C2A HEM H . -4.95 -23.79 5.01
C3A HEM H . -3.99 -23.83 4.09
C4A HEM H . -4.59 -24.42 2.92
CMA HEM H . -2.51 -23.46 4.21
CAA HEM H . -4.85 -23.28 6.50
CBA HEM H . -4.41 -24.56 7.31
CGA HEM H . -3.95 -24.36 8.73
O1A HEM H . -3.65 -23.22 9.14
O2A HEM H . -3.84 -25.39 9.46
C1B HEM H . -4.48 -25.29 0.63
C2B HEM H . -3.76 -25.58 -0.63
C3B HEM H . -4.63 -26.23 -1.45
C4B HEM H . -5.90 -26.33 -0.74
CMB HEM H . -2.29 -25.21 -0.84
CAB HEM H . -4.33 -26.70 -2.85
CBB HEM H . -4.91 -27.57 -3.62
C1C HEM H . -8.21 -27.15 -0.51
C2C HEM H . -9.35 -27.92 -0.98
C3C HEM H . -10.29 -27.88 -0.03
C4C HEM H . -9.74 -27.08 1.05
CMC HEM H . -9.38 -28.62 -2.35
CAC HEM H . -11.65 -28.56 0.03
CBC HEM H . -12.10 -29.22 1.05
CBC HEM H . -12.45 -29.16 -0.81
C1D HEM H . -9.93 -25.97 3.28
C2D HEM H . -10.72 -25.42 4.37
C3D HEM H . -9.87 -24.78 5.17
C4D HEM H . -8.54 -24.83 4.55
CMD HEM H . -12.23 -25.62 4.50
CAD HEM H . -10.15 -24.03 6.48
CBD HEM H . -9.98 -24.96 7.71
CGD HEM H . -10.49 -24.27 9.00
O1D HEM H . -10.00 -24.76 10.06
O2D HEM H . -11.22 -23.29 8.92
NA HEM H . -5.94 -24.65 3.12
NB HEM H . -5.77 -25.75 0.51
NC HEM H . -8.48 -26.66 0.76
ND HEM H . -8.62 -25.54 3.38
FE HEM H . -7.22 -25.60 1.90
#